data_5LGU
#
_entry.id   5LGU
#
_cell.length_a   121.409
_cell.length_b   181.155
_cell.length_c   237.456
_cell.angle_alpha   90.00
_cell.angle_beta   90.00
_cell.angle_gamma   90.00
#
_symmetry.space_group_name_H-M   'I 2 2 2'
#
loop_
_entity.id
_entity.type
_entity.pdbx_description
1 polymer 'Lysine-specific histone demethylase 1A'
2 polymer 'REST corepressor 1'
3 non-polymer 'FLAVIN-ADENINE DINUCLEOTIDE'
4 non-polymer 4-methyl-~{N}-[2-[[4-[[(3~{R})-pyrrolidin-3-yl]methoxy]phenoxy]methyl]phenyl]thieno[3,2-b]pyrrole-5-carboxamide
#
loop_
_entity_poly.entity_id
_entity_poly.type
_entity_poly.pdbx_seq_one_letter_code
_entity_poly.pdbx_strand_id
1 'polypeptide(L)'
;MDESLANLSEDEYYSEEERNAKAEKEKKLPPPPPQAPPEEENESEPEEPSGVEGAAFQSRLPHDRMTSQEAACFPDIISG
PQQTQKVFLFIRNRTLQLWLDNPKIQLTFEATLQQLEAPYNSDTVLVHRVHSYLERHGLINFGIYKRIKPLPTKKTGKVI
IIGSGVSGLAAARQLQSFGMDVTLLEARDRVGGRVATFRKGNYVADLGAMVVTGLGGNPMAVVSKQVNMELAKIKQKCPL
YEANGQAVPKEKDEMVEQEFNRLLEATSYLSHQLDFNVLNNKPVSLGQALEVVIQLQEKHVKDEQIEHWKKIVKTQEELK
ELLNKMVNLKEKIKELHQQYKEASEVKPPRDITAEFLVKSKHRDLTALCKEYDELAETQGKLEEKLQELEANPPSDVYLS
SRDRQILDWHFANLEFANATPLSTLSLKHWDQDDDFEFTGSHLTVRNGYSCVPVALAEGLDIKLNTAVRQVRYTASGCEV
IAVNTRSTSQTFIYKCDAVLCTLPLGVLKQQPPAVQFVPPLPEWKTSAVQRMGFGNLNKVVLCFDRVFWDPSVNLFGHVG
STTASRGELFLFWNLYKAPILLALVAGEAAGIMENISDDVIVGRCLAILKGIFGSSAVPQPKETVVSRWRADPWARGSYS
YVAAGSSGNDYDLMAQPITPGPSIPGAPQPIPRLFFAGEHTIRNYPATVHGALLSGLREAGRIADQFLGAMYTLPRQATP
GVPAQQSPSM
;
A
2 'polypeptide(L)'
;RAKRKPPKGMFLSQEDVEAVSANATAATTVLRQLDMELVSVKRQIQNIKQTNSALKEKLDGGIEPYRLPEVIQKCNARWT
TEEQLLAVQAIRKYGRDFQAISDVIGNKSVVQVKNFFVNYRRRFNIDEVLQEWEAEHGKEETNGPSNQKPVKSPDNSIKM
PEEEDEAPVLDVRYASAS
;
B
#
# COMPACT_ATOMS: atom_id res chain seq x y z
N PRO A 49 -22.85 16.34 10.04
CA PRO A 49 -22.23 17.67 10.11
C PRO A 49 -23.12 18.74 10.77
N SER A 50 -23.71 18.40 11.92
CA SER A 50 -24.90 19.09 12.47
C SER A 50 -24.72 19.77 13.86
N GLY A 51 -24.96 21.08 13.90
CA GLY A 51 -25.00 21.83 15.17
C GLY A 51 -23.82 22.75 15.35
N VAL A 52 -23.60 23.21 16.58
CA VAL A 52 -22.33 23.88 16.92
C VAL A 52 -21.19 22.87 16.82
N GLU A 53 -21.49 21.62 17.20
CA GLU A 53 -20.52 20.52 17.11
C GLU A 53 -19.82 20.43 15.73
N GLY A 54 -20.53 20.88 14.69
CA GLY A 54 -20.00 20.91 13.33
C GLY A 54 -18.95 21.98 13.11
N ALA A 55 -19.10 23.11 13.81
CA ALA A 55 -18.08 24.17 13.80
C ALA A 55 -16.77 23.70 14.44
N ALA A 56 -16.89 22.95 15.53
CA ALA A 56 -15.73 22.32 16.17
C ALA A 56 -14.99 21.44 15.17
N PHE A 57 -15.74 20.56 14.52
CA PHE A 57 -15.18 19.70 13.50
C PHE A 57 -14.59 20.51 12.33
N GLN A 58 -15.33 21.52 11.89
CA GLN A 58 -14.89 22.33 10.76
C GLN A 58 -13.66 23.18 11.14
N SER A 59 -13.41 23.31 12.44
CA SER A 59 -12.20 23.95 12.94
C SER A 59 -11.22 22.95 13.56
N ARG A 60 -11.29 21.71 13.13
CA ARG A 60 -10.35 20.68 13.56
C ARG A 60 -10.28 20.47 15.08
N LEU A 61 -11.40 20.69 15.78
CA LEU A 61 -11.45 20.55 17.24
C LEU A 61 -12.50 19.54 17.71
N PRO A 62 -12.17 18.79 18.78
CA PRO A 62 -13.16 17.89 19.36
C PRO A 62 -14.19 18.67 20.15
N HIS A 63 -15.44 18.59 19.72
CA HIS A 63 -16.56 19.32 20.35
C HIS A 63 -16.76 18.98 21.82
N ASP A 64 -16.47 17.74 22.21
CA ASP A 64 -16.76 17.26 23.56
C ASP A 64 -15.59 17.38 24.55
N ARG A 65 -14.42 17.83 24.12
CA ARG A 65 -13.20 17.89 24.98
C ARG A 65 -12.39 19.19 24.85
N MET A 66 -11.62 19.49 25.88
CA MET A 66 -10.72 20.64 25.87
C MET A 66 -9.34 20.24 25.35
N THR A 67 -8.80 20.95 24.34
CA THR A 67 -7.46 20.66 23.81
C THR A 67 -6.39 21.01 24.82
N SER A 68 -5.17 20.56 24.57
CA SER A 68 -4.06 20.84 25.47
C SER A 68 -3.63 22.30 25.39
N GLN A 69 -3.77 22.89 24.21
CA GLN A 69 -3.61 24.34 24.06
C GLN A 69 -4.56 25.10 25.00
N GLU A 70 -5.84 24.80 24.88
CA GLU A 70 -6.87 25.40 25.74
C GLU A 70 -6.59 25.18 27.22
N ALA A 71 -6.04 24.04 27.58
CA ALA A 71 -5.68 23.78 28.97
C ALA A 71 -4.66 24.80 29.46
N ALA A 72 -3.73 25.14 28.59
CA ALA A 72 -2.66 26.05 28.95
C ALA A 72 -3.18 27.45 29.27
N CYS A 73 -4.14 27.94 28.49
CA CYS A 73 -4.69 29.26 28.73
C CYS A 73 -5.87 29.27 29.69
N PHE A 74 -6.52 28.13 29.89
CA PHE A 74 -7.67 28.07 30.79
C PHE A 74 -7.48 27.00 31.84
N PRO A 75 -6.31 26.98 32.49
CA PRO A 75 -6.01 25.93 33.45
C PRO A 75 -6.98 25.90 34.61
N ASP A 76 -7.51 27.06 34.98
CA ASP A 76 -8.52 27.13 36.03
C ASP A 76 -9.75 26.27 35.71
N ILE A 77 -10.22 26.34 34.47
CA ILE A 77 -11.46 25.71 34.07
C ILE A 77 -11.36 24.20 33.93
N ILE A 78 -10.38 23.78 33.14
CA ILE A 78 -10.07 22.36 32.95
C ILE A 78 -9.71 21.67 34.26
N SER A 79 -9.07 22.39 35.19
CA SER A 79 -8.80 21.86 36.52
C SER A 79 -10.09 21.81 37.33
N GLY A 80 -11.05 22.66 36.95
CA GLY A 80 -12.26 22.88 37.71
C GLY A 80 -13.32 21.80 37.60
N PRO A 81 -14.55 22.15 38.00
CA PRO A 81 -15.68 21.24 37.96
C PRO A 81 -16.20 20.98 36.55
N GLN A 82 -16.61 19.74 36.31
CA GLN A 82 -17.17 19.34 35.03
C GLN A 82 -18.05 20.39 34.43
N GLN A 83 -19.00 20.87 35.21
CA GLN A 83 -20.01 21.78 34.69
C GLN A 83 -19.35 22.99 34.02
N THR A 84 -18.46 23.66 34.75
CA THR A 84 -17.79 24.86 34.24
C THR A 84 -17.20 24.62 32.85
N GLN A 85 -16.60 23.43 32.66
CA GLN A 85 -16.00 23.06 31.37
C GLN A 85 -17.06 22.98 30.27
N LYS A 86 -18.10 22.19 30.53
CA LYS A 86 -19.18 21.99 29.56
C LYS A 86 -19.63 23.34 29.02
N VAL A 87 -19.74 24.29 29.94
CA VAL A 87 -20.04 25.67 29.57
C VAL A 87 -19.00 26.12 28.55
N PHE A 88 -17.74 26.16 29.00
CA PHE A 88 -16.63 26.66 28.19
C PHE A 88 -16.71 26.21 26.75
N LEU A 89 -16.90 24.91 26.57
CA LEU A 89 -16.87 24.33 25.24
C LEU A 89 -17.98 24.90 24.40
N PHE A 90 -19.19 25.01 24.96
CA PHE A 90 -20.28 25.65 24.23
C PHE A 90 -19.90 27.07 23.82
N ILE A 91 -19.40 27.86 24.77
CA ILE A 91 -19.06 29.23 24.47
C ILE A 91 -18.10 29.24 23.28
N ARG A 92 -17.08 28.39 23.37
CA ARG A 92 -16.12 28.20 22.28
C ARG A 92 -16.84 27.78 20.99
N ASN A 93 -17.38 26.56 20.98
CA ASN A 93 -18.05 26.00 19.79
C ASN A 93 -19.00 27.00 19.12
N ARG A 94 -19.80 27.65 19.95
CA ARG A 94 -20.79 28.60 19.46
C ARG A 94 -20.12 29.76 18.74
N THR A 95 -19.16 30.36 19.42
CA THR A 95 -18.44 31.48 18.85
C THR A 95 -17.86 31.14 17.48
N LEU A 96 -17.33 29.92 17.37
CA LEU A 96 -16.80 29.46 16.11
C LEU A 96 -17.91 29.44 15.09
N GLN A 97 -19.01 28.79 15.45
CA GLN A 97 -20.17 28.68 14.56
C GLN A 97 -20.48 30.02 13.95
N LEU A 98 -20.50 31.04 14.79
CA LEU A 98 -20.78 32.40 14.31
C LEU A 98 -19.74 32.83 13.26
N TRP A 99 -18.46 32.75 13.62
CA TRP A 99 -17.43 33.21 12.71
C TRP A 99 -17.66 32.59 11.35
N LEU A 100 -17.78 31.27 11.29
CA LEU A 100 -17.62 30.60 10.01
C LEU A 100 -18.85 30.58 9.10
N ASP A 101 -20.06 30.55 9.66
CA ASP A 101 -21.22 30.73 8.77
C ASP A 101 -21.41 32.23 8.41
N ASN A 102 -20.45 33.06 8.82
CA ASN A 102 -20.17 34.28 8.08
C ASN A 102 -18.75 34.81 8.30
N PRO A 103 -17.80 34.37 7.47
CA PRO A 103 -16.41 34.75 7.58
C PRO A 103 -16.03 35.93 6.69
N LYS A 104 -17.04 36.62 6.15
CA LYS A 104 -16.81 37.81 5.33
C LYS A 104 -16.59 39.09 6.17
N ILE A 105 -16.86 39.00 7.48
CA ILE A 105 -16.82 40.16 8.37
C ILE A 105 -16.27 39.83 9.74
N GLN A 106 -15.49 40.75 10.30
CA GLN A 106 -14.96 40.62 11.66
C GLN A 106 -16.06 40.20 12.64
N LEU A 107 -15.72 39.34 13.57
CA LEU A 107 -16.59 39.02 14.69
C LEU A 107 -16.04 39.62 15.99
N THR A 108 -16.70 40.68 16.48
CA THR A 108 -16.28 41.36 17.71
C THR A 108 -16.70 40.61 18.96
N PHE A 109 -16.19 41.05 20.09
CA PHE A 109 -16.58 40.46 21.37
C PHE A 109 -18.04 40.72 21.72
N GLU A 110 -18.53 41.91 21.36
CA GLU A 110 -19.88 42.30 21.72
C GLU A 110 -20.84 41.55 20.82
N ALA A 111 -20.54 41.57 19.51
CA ALA A 111 -21.31 40.80 18.53
C ALA A 111 -21.50 39.34 18.97
N THR A 112 -20.47 38.75 19.57
CA THR A 112 -20.55 37.40 20.12
C THR A 112 -21.42 37.39 21.36
N LEU A 113 -21.07 38.21 22.33
CA LEU A 113 -21.83 38.31 23.58
C LEU A 113 -23.31 38.51 23.28
N GLN A 114 -23.59 39.25 22.21
CA GLN A 114 -24.96 39.45 21.74
C GLN A 114 -25.76 38.15 21.70
N GLN A 115 -25.21 37.08 21.11
CA GLN A 115 -25.96 35.82 20.95
C GLN A 115 -25.80 34.89 22.15
N LEU A 116 -26.05 35.42 23.33
CA LEU A 116 -25.74 34.73 24.56
C LEU A 116 -27.02 34.24 25.24
N GLU A 117 -27.05 32.97 25.65
CA GLU A 117 -28.19 32.38 26.36
C GLU A 117 -27.75 31.81 27.71
N ALA A 118 -28.47 32.15 28.78
CA ALA A 118 -28.10 31.71 30.13
C ALA A 118 -28.05 30.17 30.20
N PRO A 119 -27.21 29.59 31.07
CA PRO A 119 -26.31 30.32 31.98
C PRO A 119 -25.03 30.89 31.34
N TYR A 120 -24.94 30.84 30.01
CA TYR A 120 -23.72 31.25 29.29
C TYR A 120 -23.54 32.76 29.32
N ASN A 121 -24.63 33.50 29.51
CA ASN A 121 -24.56 34.95 29.75
C ASN A 121 -23.88 35.29 31.03
N SER A 122 -24.25 34.55 32.08
CA SER A 122 -23.75 34.77 33.42
C SER A 122 -22.35 35.38 33.42
N ASP A 123 -21.37 34.64 32.90
CA ASP A 123 -19.97 35.05 33.02
C ASP A 123 -19.47 35.80 31.80
N THR A 124 -19.22 37.10 31.97
CA THR A 124 -18.83 37.97 30.85
C THR A 124 -17.31 37.95 30.62
N VAL A 125 -16.52 37.83 31.69
CA VAL A 125 -15.06 37.68 31.51
C VAL A 125 -14.74 36.39 30.77
N LEU A 126 -15.39 35.29 31.15
CA LEU A 126 -15.16 34.02 30.48
C LEU A 126 -15.35 34.15 28.99
N VAL A 127 -16.49 34.71 28.57
CA VAL A 127 -16.75 34.91 27.16
C VAL A 127 -15.63 35.74 26.54
N HIS A 128 -15.22 36.81 27.23
CA HIS A 128 -14.16 37.64 26.69
C HIS A 128 -12.86 36.86 26.51
N ARG A 129 -12.45 36.11 27.52
CA ARG A 129 -11.26 35.27 27.42
C ARG A 129 -11.33 34.38 26.16
N VAL A 130 -12.38 33.59 26.08
CA VAL A 130 -12.59 32.71 24.95
C VAL A 130 -12.41 33.46 23.65
N HIS A 131 -13.25 34.45 23.39
CA HIS A 131 -13.18 35.18 22.13
C HIS A 131 -11.76 35.64 21.85
N SER A 132 -11.06 36.12 22.88
CA SER A 132 -9.71 36.65 22.69
C SER A 132 -8.78 35.55 22.22
N TYR A 133 -8.76 34.45 22.97
CA TYR A 133 -7.97 33.25 22.62
C TYR A 133 -8.22 32.79 21.18
N LEU A 134 -9.48 32.67 20.81
CA LEU A 134 -9.82 32.24 19.46
C LEU A 134 -9.30 33.20 18.43
N GLU A 135 -9.37 34.48 18.73
CA GLU A 135 -8.94 35.49 17.79
C GLU A 135 -7.43 35.46 17.60
N ARG A 136 -6.74 35.11 18.69
CA ARG A 136 -5.29 35.18 18.74
C ARG A 136 -4.72 34.07 17.90
N HIS A 137 -5.25 32.88 18.12
CA HIS A 137 -4.79 31.71 17.39
C HIS A 137 -5.58 31.48 16.11
N GLY A 138 -5.92 32.53 15.40
CA GLY A 138 -6.51 32.48 14.05
C GLY A 138 -7.61 31.46 13.80
N LEU A 139 -8.42 31.18 14.82
CA LEU A 139 -9.53 30.26 14.67
C LEU A 139 -10.74 31.00 14.17
N ILE A 140 -10.79 32.29 14.47
CA ILE A 140 -11.77 33.20 13.92
C ILE A 140 -11.03 34.45 13.55
N ASN A 141 -11.68 35.28 12.74
CA ASN A 141 -11.05 36.50 12.26
C ASN A 141 -9.68 36.23 11.64
N PHE A 142 -9.67 35.30 10.70
CA PHE A 142 -8.51 35.09 9.88
C PHE A 142 -8.85 35.24 8.42
N GLY A 143 -7.81 35.38 7.62
CA GLY A 143 -7.96 35.61 6.19
C GLY A 143 -8.40 37.01 5.87
N ILE A 144 -9.36 37.10 4.96
CA ILE A 144 -9.84 38.38 4.45
C ILE A 144 -11.26 38.70 4.90
N TYR A 145 -11.35 39.64 5.84
CA TYR A 145 -12.61 40.10 6.40
C TYR A 145 -12.77 41.60 6.15
N LYS A 146 -13.99 42.07 6.33
CA LYS A 146 -14.27 43.47 6.53
C LYS A 146 -14.11 43.68 8.04
N ARG A 147 -13.32 44.68 8.40
CA ARG A 147 -13.11 45.00 9.80
C ARG A 147 -14.27 45.86 10.23
N ILE A 148 -14.66 45.79 11.50
CA ILE A 148 -15.60 46.74 12.05
C ILE A 148 -14.83 48.01 12.48
N LYS A 149 -14.06 47.91 13.56
CA LYS A 149 -13.23 49.02 14.01
C LYS A 149 -11.95 49.10 13.20
N PRO A 150 -11.79 50.16 12.37
CA PRO A 150 -10.48 50.32 11.75
C PRO A 150 -9.33 50.15 12.74
N LEU A 151 -8.16 49.82 12.20
CA LEU A 151 -6.99 49.43 13.00
C LEU A 151 -6.58 50.45 14.05
N PRO A 152 -5.93 49.99 15.13
CA PRO A 152 -5.44 50.93 16.13
C PRO A 152 -4.46 51.92 15.51
N THR A 153 -4.67 53.20 15.84
CA THR A 153 -3.83 54.30 15.34
C THR A 153 -2.33 53.94 15.28
N LYS A 154 -1.81 53.38 16.39
CA LYS A 154 -0.37 53.15 16.57
C LYS A 154 0.00 51.68 16.59
N LYS A 155 1.13 51.38 15.95
CA LYS A 155 1.69 50.04 15.91
C LYS A 155 2.53 49.76 17.15
N THR A 156 2.81 48.49 17.37
CA THR A 156 3.56 48.03 18.53
C THR A 156 4.44 46.85 18.12
N GLY A 157 5.74 47.00 18.27
CA GLY A 157 6.68 45.92 17.96
C GLY A 157 6.87 45.81 16.45
N LYS A 158 8.07 45.40 16.06
CA LYS A 158 8.42 45.29 14.65
C LYS A 158 8.85 43.87 14.30
N VAL A 159 8.22 43.29 13.28
CA VAL A 159 8.59 41.96 12.80
C VAL A 159 8.94 41.94 11.33
N ILE A 160 10.04 41.27 11.01
CA ILE A 160 10.38 40.94 9.64
C ILE A 160 10.02 39.49 9.33
N ILE A 161 9.34 39.29 8.20
CA ILE A 161 8.92 37.98 7.72
C ILE A 161 9.65 37.63 6.44
N ILE A 162 10.25 36.45 6.40
CA ILE A 162 10.95 36.00 5.23
C ILE A 162 10.06 35.13 4.36
N GLY A 163 9.73 35.64 3.18
CA GLY A 163 8.98 34.92 2.17
C GLY A 163 7.51 35.26 2.22
N SER A 164 6.92 35.51 1.04
CA SER A 164 5.48 35.77 0.92
C SER A 164 4.76 34.57 0.29
N GLY A 165 5.17 33.37 0.66
CA GLY A 165 4.34 32.22 0.46
C GLY A 165 3.13 32.31 1.36
N VAL A 166 2.14 31.49 1.09
CA VAL A 166 0.94 31.46 1.91
C VAL A 166 1.20 31.49 3.43
N SER A 167 2.14 30.68 3.92
CA SER A 167 2.51 30.68 5.33
C SER A 167 2.88 32.09 5.80
N GLY A 168 3.80 32.72 5.07
CA GLY A 168 4.20 34.10 5.36
C GLY A 168 3.02 35.05 5.39
N LEU A 169 2.25 35.07 4.31
CA LEU A 169 1.17 36.02 4.15
C LEU A 169 0.20 35.84 5.29
N ALA A 170 -0.19 34.61 5.57
CA ALA A 170 -1.15 34.35 6.61
C ALA A 170 -0.76 35.02 7.93
N ALA A 171 0.48 34.82 8.35
CA ALA A 171 0.96 35.35 9.61
C ALA A 171 1.02 36.88 9.54
N ALA A 172 1.56 37.41 8.45
CA ALA A 172 1.65 38.86 8.26
C ALA A 172 0.30 39.53 8.54
N ARG A 173 -0.75 39.10 7.86
CA ARG A 173 -2.08 39.61 8.13
C ARG A 173 -2.45 39.54 9.59
N GLN A 174 -2.22 38.40 10.19
CA GLN A 174 -2.58 38.19 11.58
C GLN A 174 -1.90 39.17 12.50
N LEU A 175 -0.61 39.37 12.26
CA LEU A 175 0.20 40.23 13.12
C LEU A 175 -0.25 41.66 12.94
N GLN A 176 -0.29 42.11 11.70
CA GLN A 176 -0.89 43.40 11.39
C GLN A 176 -2.33 43.50 11.93
N SER A 177 -3.14 42.46 11.76
CA SER A 177 -4.42 42.38 12.42
C SER A 177 -4.32 42.66 13.94
N PHE A 178 -3.24 42.22 14.59
CA PHE A 178 -3.03 42.51 16.02
C PHE A 178 -2.25 43.80 16.21
N GLY A 179 -2.08 44.57 15.15
CA GLY A 179 -1.45 45.87 15.22
C GLY A 179 0.04 45.87 15.49
N MET A 180 0.77 44.89 14.98
CA MET A 180 2.21 45.00 15.01
C MET A 180 2.65 45.56 13.67
N ASP A 181 3.91 45.96 13.60
CA ASP A 181 4.48 46.49 12.38
C ASP A 181 5.16 45.34 11.66
N VAL A 182 4.70 45.06 10.46
CA VAL A 182 5.12 43.88 9.74
C VAL A 182 5.65 44.23 8.37
N THR A 183 6.71 43.55 7.96
CA THR A 183 7.28 43.71 6.63
C THR A 183 7.78 42.36 6.11
N LEU A 184 7.35 41.98 4.91
CA LEU A 184 7.76 40.72 4.29
C LEU A 184 8.81 40.94 3.23
N LEU A 185 9.73 39.99 3.08
CA LEU A 185 10.79 40.06 2.09
C LEU A 185 10.79 38.87 1.14
N GLU A 186 10.54 39.12 -0.13
CA GLU A 186 10.42 38.04 -1.10
C GLU A 186 11.50 38.18 -2.13
N ALA A 187 12.30 37.14 -2.32
CA ALA A 187 13.30 37.10 -3.38
C ALA A 187 12.68 37.14 -4.79
N ARG A 188 11.50 36.53 -4.92
CA ARG A 188 10.77 36.52 -6.17
C ARG A 188 10.31 37.92 -6.56
N ASP A 189 9.77 38.02 -7.77
CA ASP A 189 9.07 39.21 -8.21
C ASP A 189 7.55 39.07 -8.08
N ARG A 190 7.10 38.13 -7.25
CA ARG A 190 5.68 37.87 -7.09
C ARG A 190 5.39 37.15 -5.80
N VAL A 191 4.17 37.28 -5.32
CA VAL A 191 3.80 36.54 -4.13
C VAL A 191 3.39 35.11 -4.46
N GLY A 192 3.31 34.26 -3.43
CA GLY A 192 2.69 32.93 -3.53
C GLY A 192 3.68 31.81 -3.30
N GLY A 193 4.85 31.99 -3.87
CA GLY A 193 5.88 30.98 -3.82
C GLY A 193 5.42 29.77 -4.59
N ARG A 194 5.33 28.64 -3.90
CA ARG A 194 4.99 27.36 -4.51
C ARG A 194 3.51 27.29 -4.92
N VAL A 195 2.73 28.33 -4.65
CA VAL A 195 1.48 28.56 -5.37
C VAL A 195 1.78 29.42 -6.61
N ALA A 196 1.76 28.80 -7.78
CA ALA A 196 2.23 29.46 -8.98
C ALA A 196 1.31 29.11 -10.10
N THR A 197 0.63 30.13 -10.62
CA THR A 197 -0.30 29.96 -11.72
C THR A 197 0.30 30.58 -12.96
N PHE A 198 0.09 29.91 -14.10
CA PHE A 198 0.56 30.39 -15.39
C PHE A 198 -0.64 31.00 -16.06
N ARG A 199 -0.41 32.16 -16.71
CA ARG A 199 -1.45 32.92 -17.42
C ARG A 199 -0.94 33.48 -18.74
N LYS A 200 -1.68 33.22 -19.80
CA LYS A 200 -1.41 33.82 -21.11
C LYS A 200 -2.70 33.74 -21.93
N GLY A 201 -3.16 34.89 -22.44
CA GLY A 201 -4.50 34.96 -23.02
C GLY A 201 -5.51 34.35 -22.06
N ASN A 202 -6.40 33.51 -22.59
CA ASN A 202 -7.35 32.75 -21.75
C ASN A 202 -6.76 31.46 -21.17
N TYR A 203 -5.52 31.14 -21.50
CA TYR A 203 -4.85 29.96 -20.92
C TYR A 203 -4.47 30.25 -19.47
N VAL A 204 -4.98 29.43 -18.55
CA VAL A 204 -4.71 29.56 -17.13
C VAL A 204 -4.46 28.20 -16.53
N ALA A 205 -3.20 27.93 -16.20
CA ALA A 205 -2.79 26.64 -15.67
C ALA A 205 -1.89 26.81 -14.46
N ASP A 206 -2.10 25.99 -13.44
CA ASP A 206 -1.26 26.02 -12.26
C ASP A 206 -0.02 25.14 -12.40
N LEU A 207 1.14 25.72 -12.12
CA LEU A 207 2.40 24.99 -12.05
C LEU A 207 2.75 24.49 -10.64
N GLY A 208 2.09 25.05 -9.64
CA GLY A 208 2.32 24.68 -8.25
C GLY A 208 1.07 24.03 -7.74
N ALA A 209 0.73 24.32 -6.50
CA ALA A 209 -0.49 23.77 -5.89
C ALA A 209 -1.70 23.94 -6.78
N MET A 210 -2.57 22.95 -6.78
CA MET A 210 -3.78 22.97 -7.60
C MET A 210 -5.04 22.41 -6.93
N VAL A 211 -4.90 21.68 -5.84
CA VAL A 211 -6.02 20.94 -5.30
C VAL A 211 -6.34 21.29 -3.86
N VAL A 212 -7.63 21.43 -3.58
CA VAL A 212 -8.10 21.55 -2.22
C VAL A 212 -8.55 20.18 -1.83
N THR A 213 -7.85 19.56 -0.88
CA THR A 213 -8.06 18.14 -0.60
C THR A 213 -9.18 17.93 0.40
N GLY A 214 -10.38 18.31 0.00
CA GLY A 214 -11.57 18.15 0.83
C GLY A 214 -11.83 19.44 1.56
N LEU A 215 -13.07 19.63 2.01
CA LEU A 215 -13.44 20.84 2.75
C LEU A 215 -13.81 20.57 4.20
N GLY A 216 -13.92 19.30 4.58
CA GLY A 216 -14.38 18.93 5.91
C GLY A 216 -13.31 19.07 6.97
N GLY A 217 -13.18 20.29 7.49
CA GLY A 217 -12.14 20.62 8.46
C GLY A 217 -11.06 21.48 7.84
N ASN A 218 -11.20 21.79 6.56
CA ASN A 218 -10.23 22.59 5.87
C ASN A 218 -10.43 24.08 6.10
N PRO A 219 -9.38 24.77 6.54
CA PRO A 219 -9.38 26.22 6.61
C PRO A 219 -9.71 26.88 5.28
N MET A 220 -9.20 26.34 4.18
CA MET A 220 -9.48 26.88 2.85
C MET A 220 -10.97 26.92 2.50
N ALA A 221 -11.78 26.12 3.17
CA ALA A 221 -13.24 26.26 3.13
C ALA A 221 -13.63 27.70 3.42
N VAL A 222 -13.15 28.21 4.54
CA VAL A 222 -13.40 29.58 4.92
C VAL A 222 -12.78 30.56 3.92
N VAL A 223 -11.60 30.27 3.44
CA VAL A 223 -10.99 31.15 2.46
C VAL A 223 -11.76 31.15 1.16
N SER A 224 -12.38 30.01 0.85
CA SER A 224 -13.14 29.89 -0.39
C SER A 224 -14.32 30.84 -0.39
N LYS A 225 -14.92 31.06 0.77
CA LYS A 225 -15.97 32.06 0.89
C LYS A 225 -15.41 33.47 0.72
N GLN A 226 -14.28 33.74 1.36
CA GLN A 226 -13.70 35.08 1.32
C GLN A 226 -13.17 35.47 -0.07
N VAL A 227 -12.71 34.50 -0.86
CA VAL A 227 -12.18 34.77 -2.19
C VAL A 227 -12.93 33.96 -3.22
N ASN A 228 -13.09 34.51 -4.40
CA ASN A 228 -13.69 33.73 -5.48
C ASN A 228 -12.67 32.79 -6.10
N MET A 229 -12.80 31.53 -5.72
CA MET A 229 -12.07 30.43 -6.35
C MET A 229 -13.15 29.58 -7.02
N GLU A 230 -12.90 29.19 -8.26
CA GLU A 230 -13.84 28.35 -8.99
C GLU A 230 -13.52 26.90 -8.72
N LEU A 231 -14.21 26.35 -7.72
CA LEU A 231 -13.90 25.00 -7.28
C LEU A 231 -14.69 23.95 -8.02
N ALA A 232 -13.96 23.09 -8.72
CA ALA A 232 -14.51 22.04 -9.55
C ALA A 232 -14.03 20.66 -9.09
N LYS A 233 -14.96 19.73 -8.92
CA LYS A 233 -14.63 18.34 -8.54
C LYS A 233 -13.77 17.64 -9.59
N ILE A 234 -13.29 16.45 -9.25
CA ILE A 234 -12.45 15.67 -10.13
C ILE A 234 -13.08 14.30 -10.36
N LYS A 235 -13.23 13.93 -11.63
CA LYS A 235 -13.81 12.65 -12.01
C LYS A 235 -12.74 11.57 -11.88
N GLN A 236 -13.00 10.57 -11.04
CA GLN A 236 -11.97 9.61 -10.66
C GLN A 236 -11.48 8.70 -11.79
N LYS A 237 -12.30 8.49 -12.82
CA LYS A 237 -11.95 7.56 -13.90
C LYS A 237 -10.64 7.90 -14.59
N CYS A 238 -9.64 7.03 -14.42
CA CYS A 238 -8.36 7.19 -15.11
C CYS A 238 -8.00 5.95 -15.92
N PRO A 239 -8.27 5.99 -17.24
CA PRO A 239 -7.89 5.00 -18.25
C PRO A 239 -6.39 4.94 -18.53
N LEU A 240 -5.85 3.72 -18.60
CA LEU A 240 -4.42 3.53 -18.87
C LEU A 240 -4.13 3.10 -20.31
N TYR A 241 -2.97 3.47 -20.83
CA TYR A 241 -2.64 3.19 -22.21
C TYR A 241 -1.20 2.77 -22.33
N GLU A 242 -0.97 1.48 -22.53
CA GLU A 242 0.38 0.94 -22.71
C GLU A 242 1.09 1.61 -23.88
N ALA A 243 2.39 1.35 -24.00
CA ALA A 243 3.24 2.02 -24.99
C ALA A 243 2.66 2.03 -26.42
N ASN A 244 2.13 0.89 -26.83
CA ASN A 244 1.47 0.74 -28.14
C ASN A 244 0.41 1.81 -28.47
N GLY A 245 -0.23 2.38 -27.45
CA GLY A 245 -1.32 3.35 -27.64
C GLY A 245 -2.68 2.71 -27.44
N GLN A 246 -2.70 1.54 -26.80
CA GLN A 246 -3.90 0.72 -26.68
C GLN A 246 -4.30 0.65 -25.24
N ALA A 247 -5.55 0.98 -24.94
CA ALA A 247 -6.01 0.98 -23.55
C ALA A 247 -5.76 -0.36 -22.92
N VAL A 248 -5.66 -0.38 -21.60
CA VAL A 248 -5.53 -1.66 -20.92
C VAL A 248 -6.93 -2.25 -20.79
N PRO A 249 -7.06 -3.54 -21.08
CA PRO A 249 -8.30 -4.27 -20.84
C PRO A 249 -8.86 -4.03 -19.45
N LYS A 250 -10.12 -3.67 -19.38
CA LYS A 250 -10.83 -3.43 -18.11
C LYS A 250 -10.64 -4.56 -17.07
N GLU A 251 -10.54 -5.80 -17.53
CA GLU A 251 -10.34 -6.90 -16.61
C GLU A 251 -8.98 -6.82 -15.92
N LYS A 252 -7.92 -6.62 -16.72
CA LYS A 252 -6.53 -6.44 -16.24
C LYS A 252 -6.45 -5.33 -15.22
N ASP A 253 -6.81 -4.14 -15.68
CA ASP A 253 -6.71 -2.92 -14.92
C ASP A 253 -7.17 -3.17 -13.50
N GLU A 254 -8.38 -3.70 -13.38
CA GLU A 254 -8.97 -4.01 -12.08
C GLU A 254 -8.13 -4.94 -11.21
N MET A 255 -7.50 -5.94 -11.81
CA MET A 255 -6.75 -6.95 -11.04
C MET A 255 -5.47 -6.34 -10.49
N VAL A 256 -4.76 -5.58 -11.31
CA VAL A 256 -3.45 -5.07 -10.95
C VAL A 256 -3.64 -4.02 -9.86
N GLU A 257 -4.56 -3.10 -10.12
CA GLU A 257 -4.99 -2.15 -9.11
C GLU A 257 -5.25 -2.86 -7.80
N GLN A 258 -6.13 -3.86 -7.81
CA GLN A 258 -6.43 -4.58 -6.58
C GLN A 258 -5.18 -5.18 -5.96
N GLU A 259 -4.24 -5.64 -6.79
CA GLU A 259 -2.99 -6.22 -6.31
C GLU A 259 -2.15 -5.16 -5.61
N PHE A 260 -1.96 -4.04 -6.31
CA PHE A 260 -1.28 -2.86 -5.77
C PHE A 260 -1.76 -2.47 -4.38
N ASN A 261 -3.07 -2.35 -4.22
CA ASN A 261 -3.64 -2.00 -2.93
C ASN A 261 -3.32 -3.02 -1.86
N ARG A 262 -3.33 -4.29 -2.26
CA ARG A 262 -3.01 -5.37 -1.33
C ARG A 262 -1.54 -5.28 -0.97
N LEU A 263 -0.69 -5.03 -1.96
CA LEU A 263 0.74 -4.89 -1.72
C LEU A 263 1.06 -3.78 -0.72
N LEU A 264 0.29 -2.70 -0.74
CA LEU A 264 0.45 -1.67 0.28
C LEU A 264 0.07 -2.16 1.66
N GLU A 265 -1.19 -2.54 1.85
CA GLU A 265 -1.62 -3.13 3.14
C GLU A 265 -0.53 -4.07 3.65
N ALA A 266 -0.03 -4.89 2.75
CA ALA A 266 1.04 -5.84 3.03
C ALA A 266 2.16 -5.19 3.83
N THR A 267 2.69 -4.08 3.29
CA THR A 267 3.81 -3.38 3.90
C THR A 267 3.44 -2.86 5.28
N SER A 268 2.20 -2.42 5.46
CA SER A 268 1.76 -1.87 6.74
C SER A 268 1.75 -2.94 7.80
N TYR A 269 1.18 -4.08 7.44
CA TYR A 269 1.24 -5.28 8.27
C TYR A 269 2.71 -5.61 8.53
N LEU A 270 3.47 -5.71 7.44
CA LEU A 270 4.90 -5.95 7.50
C LEU A 270 5.58 -5.02 8.52
N SER A 271 5.20 -3.75 8.52
CA SER A 271 5.79 -2.77 9.42
C SER A 271 5.33 -2.94 10.87
N HIS A 272 4.01 -2.90 11.09
CA HIS A 272 3.48 -2.81 12.44
C HIS A 272 3.44 -4.14 13.18
N GLN A 273 3.05 -5.20 12.48
CA GLN A 273 2.89 -6.51 13.11
C GLN A 273 4.19 -7.27 13.20
N LEU A 274 4.90 -7.37 12.09
CA LEU A 274 6.19 -8.05 12.08
C LEU A 274 7.34 -7.15 12.52
N ASP A 275 7.07 -5.86 12.73
CA ASP A 275 8.05 -4.91 13.29
C ASP A 275 9.32 -4.77 12.43
N PHE A 276 9.18 -4.97 11.13
CA PHE A 276 10.30 -5.04 10.21
C PHE A 276 10.73 -3.64 9.77
N ASN A 277 11.37 -2.90 10.67
CA ASN A 277 11.66 -1.50 10.41
C ASN A 277 13.14 -1.11 10.47
N VAL A 278 14.02 -2.10 10.66
CA VAL A 278 15.47 -1.88 10.55
C VAL A 278 16.12 -2.97 9.71
N LEU A 279 17.17 -2.63 8.96
CA LEU A 279 17.90 -3.62 8.20
C LEU A 279 19.36 -3.19 7.99
N ASN A 280 20.28 -3.87 8.67
CA ASN A 280 21.71 -3.49 8.70
C ASN A 280 21.88 -2.20 9.48
N ASN A 281 21.15 -2.09 10.58
CA ASN A 281 20.94 -0.80 11.28
C ASN A 281 20.81 0.42 10.33
N LYS A 282 20.09 0.22 9.23
CA LYS A 282 19.60 1.32 8.40
C LYS A 282 18.09 1.21 8.37
N PRO A 283 17.39 2.33 8.47
CA PRO A 283 15.96 2.26 8.50
C PRO A 283 15.39 1.86 7.14
N VAL A 284 14.29 1.12 7.18
CA VAL A 284 13.75 0.49 6.00
C VAL A 284 12.87 1.46 5.22
N SER A 285 13.04 1.50 3.91
CA SER A 285 12.19 2.34 3.08
C SER A 285 10.88 1.62 2.72
N LEU A 286 9.93 2.39 2.21
CA LEU A 286 8.72 1.82 1.65
C LEU A 286 9.04 0.98 0.42
N GLY A 287 9.90 1.50 -0.44
CA GLY A 287 10.36 0.74 -1.61
C GLY A 287 10.98 -0.62 -1.28
N GLN A 288 11.85 -0.69 -0.28
CA GLN A 288 12.41 -1.96 0.15
C GLN A 288 11.28 -2.92 0.53
N ALA A 289 10.42 -2.47 1.43
CA ALA A 289 9.30 -3.29 1.89
C ALA A 289 8.52 -3.88 0.74
N LEU A 290 8.21 -3.06 -0.26
CA LEU A 290 7.47 -3.54 -1.41
C LEU A 290 8.21 -4.65 -2.13
N GLU A 291 9.45 -4.39 -2.52
CA GLU A 291 10.34 -5.39 -3.14
C GLU A 291 10.29 -6.71 -2.40
N VAL A 292 10.52 -6.65 -1.09
CA VAL A 292 10.44 -7.84 -0.25
C VAL A 292 9.11 -8.55 -0.41
N VAL A 293 8.03 -7.83 -0.22
CA VAL A 293 6.71 -8.44 -0.28
C VAL A 293 6.52 -9.10 -1.63
N ILE A 294 6.85 -8.40 -2.70
CA ILE A 294 6.71 -8.95 -4.03
C ILE A 294 7.44 -10.27 -4.13
N GLN A 295 8.72 -10.29 -3.77
CA GLN A 295 9.49 -11.54 -3.81
C GLN A 295 8.77 -12.66 -3.10
N LEU A 296 8.35 -12.41 -1.87
CA LEU A 296 7.63 -13.42 -1.11
C LEU A 296 6.39 -13.96 -1.81
N GLN A 297 5.74 -13.14 -2.62
CA GLN A 297 4.61 -13.63 -3.43
C GLN A 297 5.12 -14.46 -4.58
N GLU A 298 6.12 -13.94 -5.27
CA GLU A 298 6.79 -14.65 -6.36
C GLU A 298 7.30 -16.02 -5.91
N LYS A 299 7.80 -16.04 -4.68
CA LYS A 299 8.34 -17.24 -4.06
C LYS A 299 7.20 -18.20 -3.75
N HIS A 300 6.23 -17.75 -2.97
CA HIS A 300 5.05 -18.57 -2.68
C HIS A 300 4.33 -19.11 -3.93
N VAL A 301 4.40 -18.41 -5.06
CA VAL A 301 3.87 -18.96 -6.33
C VAL A 301 4.57 -20.26 -6.69
N LYS A 302 5.89 -20.28 -6.50
CA LYS A 302 6.71 -21.46 -6.74
C LYS A 302 6.42 -22.56 -5.74
N ASP A 303 6.62 -22.28 -4.45
CA ASP A 303 6.25 -23.23 -3.38
C ASP A 303 4.96 -24.01 -3.65
N GLU A 304 3.95 -23.35 -4.21
CA GLU A 304 2.70 -24.03 -4.59
C GLU A 304 2.97 -25.05 -5.66
N GLN A 305 3.58 -24.60 -6.75
CA GLN A 305 3.85 -25.48 -7.87
C GLN A 305 4.58 -26.74 -7.44
N ILE A 306 5.69 -26.55 -6.74
CA ILE A 306 6.46 -27.67 -6.21
C ILE A 306 5.55 -28.64 -5.48
N GLU A 307 4.90 -28.17 -4.41
CA GLU A 307 4.02 -29.03 -3.62
C GLU A 307 2.96 -29.78 -4.47
N HIS A 308 2.52 -29.18 -5.57
CA HIS A 308 1.52 -29.78 -6.49
C HIS A 308 2.10 -30.90 -7.31
N TRP A 309 3.22 -30.64 -7.98
CA TRP A 309 3.90 -31.68 -8.74
C TRP A 309 4.44 -32.81 -7.83
N LYS A 310 4.86 -32.49 -6.61
CA LYS A 310 5.26 -33.54 -5.66
C LYS A 310 4.09 -34.42 -5.25
N LYS A 311 2.90 -33.85 -5.18
CA LYS A 311 1.69 -34.64 -4.95
C LYS A 311 1.46 -35.58 -6.13
N ILE A 312 1.70 -35.10 -7.34
CA ILE A 312 1.63 -35.98 -8.49
C ILE A 312 2.59 -37.17 -8.37
N VAL A 313 3.90 -36.93 -8.27
CA VAL A 313 4.87 -38.04 -8.23
C VAL A 313 4.65 -39.00 -7.09
N LYS A 314 4.16 -38.53 -5.94
CA LYS A 314 3.85 -39.47 -4.89
C LYS A 314 2.84 -40.50 -5.40
N THR A 315 1.83 -40.03 -6.14
CA THR A 315 0.80 -40.91 -6.71
C THR A 315 1.36 -41.69 -7.90
N GLN A 316 1.97 -40.99 -8.84
CA GLN A 316 2.67 -41.65 -9.92
C GLN A 316 3.52 -42.86 -9.44
N GLU A 317 4.14 -42.76 -8.27
CA GLU A 317 4.95 -43.87 -7.72
C GLU A 317 4.12 -44.96 -7.07
N GLU A 318 3.02 -44.61 -6.41
CA GLU A 318 2.09 -45.62 -5.90
C GLU A 318 1.58 -46.49 -7.04
N LEU A 319 1.37 -45.88 -8.19
CA LEU A 319 0.90 -46.58 -9.37
C LEU A 319 1.94 -47.53 -9.91
N LYS A 320 3.18 -47.03 -10.03
CA LYS A 320 4.31 -47.88 -10.42
C LYS A 320 4.36 -49.16 -9.61
N GLU A 321 4.20 -49.06 -8.29
CA GLU A 321 4.18 -50.23 -7.44
C GLU A 321 3.03 -51.15 -7.72
N LEU A 322 1.86 -50.58 -7.97
CA LEU A 322 0.70 -51.37 -8.35
C LEU A 322 0.98 -52.11 -9.65
N LEU A 323 1.33 -51.36 -10.69
CA LEU A 323 1.55 -51.93 -12.02
C LEU A 323 2.53 -53.12 -12.02
N ASN A 324 3.48 -53.11 -11.10
CA ASN A 324 4.34 -54.27 -10.90
C ASN A 324 3.58 -55.43 -10.35
N LYS A 325 3.00 -55.25 -9.18
CA LYS A 325 2.13 -56.27 -8.62
C LYS A 325 1.21 -56.84 -9.73
N MET A 326 0.57 -55.96 -10.50
CA MET A 326 -0.34 -56.37 -11.58
C MET A 326 0.36 -57.23 -12.63
N VAL A 327 1.52 -56.76 -13.10
CA VAL A 327 2.24 -57.44 -14.20
C VAL A 327 2.75 -58.83 -13.78
N ASN A 328 3.17 -58.95 -12.52
CA ASN A 328 3.67 -60.22 -11.98
C ASN A 328 2.56 -61.21 -11.73
N LEU A 329 1.45 -60.73 -11.22
CA LEU A 329 0.27 -61.55 -11.05
C LEU A 329 -0.24 -62.08 -12.38
N LYS A 330 -0.18 -61.25 -13.42
CA LYS A 330 -0.56 -61.70 -14.76
C LYS A 330 0.30 -62.87 -15.23
N GLU A 331 1.56 -62.88 -14.83
CA GLU A 331 2.46 -63.95 -15.23
C GLU A 331 2.12 -65.22 -14.47
N LYS A 332 1.96 -65.11 -13.16
CA LYS A 332 1.56 -66.28 -12.36
C LYS A 332 0.27 -66.89 -12.90
N ILE A 333 -0.65 -66.05 -13.33
CA ILE A 333 -1.89 -66.52 -13.94
C ILE A 333 -1.63 -67.26 -15.26
N LYS A 334 -1.12 -66.55 -16.25
CA LYS A 334 -0.75 -67.20 -17.52
C LYS A 334 -0.27 -68.64 -17.26
N GLU A 335 0.75 -68.75 -16.43
CA GLU A 335 1.44 -70.02 -16.17
C GLU A 335 0.58 -71.01 -15.39
N LEU A 336 -0.17 -70.52 -14.41
CA LEU A 336 -1.05 -71.39 -13.63
C LEU A 336 -2.14 -71.94 -14.52
N HIS A 337 -2.84 -71.05 -15.20
CA HIS A 337 -3.88 -71.44 -16.14
C HIS A 337 -3.40 -72.58 -17.04
N GLN A 338 -2.24 -72.39 -17.63
CA GLN A 338 -1.61 -73.43 -18.43
C GLN A 338 -1.63 -74.78 -17.70
N GLN A 339 -1.17 -74.81 -16.45
CA GLN A 339 -1.18 -76.03 -15.65
C GLN A 339 -2.57 -76.63 -15.50
N TYR A 340 -3.53 -75.80 -15.17
CA TYR A 340 -4.92 -76.23 -15.06
C TYR A 340 -5.41 -76.82 -16.36
N LYS A 341 -5.10 -76.18 -17.48
CA LYS A 341 -5.53 -76.71 -18.76
C LYS A 341 -4.98 -78.13 -18.91
N GLU A 342 -3.66 -78.28 -18.83
CA GLU A 342 -2.98 -79.59 -18.83
C GLU A 342 -3.59 -80.64 -17.90
N ALA A 343 -3.95 -80.22 -16.69
CA ALA A 343 -4.57 -81.15 -15.75
C ALA A 343 -5.95 -81.54 -16.23
N SER A 344 -6.65 -80.59 -16.81
CA SER A 344 -7.95 -80.84 -17.38
C SER A 344 -7.86 -81.75 -18.62
N GLU A 345 -6.77 -81.64 -19.38
CA GLU A 345 -6.59 -82.42 -20.62
C GLU A 345 -6.54 -83.93 -20.37
N VAL A 346 -6.14 -84.34 -19.17
CA VAL A 346 -6.07 -85.77 -18.76
C VAL A 346 -7.46 -86.38 -18.74
N LYS A 347 -7.82 -87.09 -19.80
CA LYS A 347 -9.17 -87.62 -19.91
C LYS A 347 -9.45 -88.68 -18.85
N PRO A 348 -10.68 -88.68 -18.33
CA PRO A 348 -11.11 -89.66 -17.34
C PRO A 348 -11.41 -90.99 -18.04
N PRO A 349 -11.70 -92.06 -17.30
CA PRO A 349 -11.74 -92.07 -15.83
C PRO A 349 -10.38 -91.77 -15.22
N ARG A 350 -10.41 -91.18 -14.03
CA ARG A 350 -9.18 -90.87 -13.31
C ARG A 350 -9.40 -90.99 -11.83
N ASP A 351 -8.33 -91.31 -11.10
CA ASP A 351 -8.43 -91.50 -9.68
C ASP A 351 -8.60 -90.15 -9.04
N ILE A 352 -8.79 -90.15 -7.74
CA ILE A 352 -9.16 -88.96 -7.04
C ILE A 352 -8.04 -87.92 -6.95
N THR A 353 -6.77 -88.33 -6.95
CA THR A 353 -5.71 -87.33 -6.85
C THR A 353 -5.69 -86.44 -8.08
N ALA A 354 -5.90 -87.04 -9.24
CA ALA A 354 -5.94 -86.28 -10.49
C ALA A 354 -7.16 -85.38 -10.56
N GLU A 355 -8.25 -85.82 -9.95
CA GLU A 355 -9.45 -85.02 -9.86
C GLU A 355 -9.15 -83.80 -9.00
N PHE A 356 -8.63 -84.04 -7.81
CA PHE A 356 -8.25 -82.99 -6.86
C PHE A 356 -7.37 -81.93 -7.49
N LEU A 357 -6.45 -82.36 -8.33
CA LEU A 357 -5.53 -81.44 -8.95
C LEU A 357 -6.28 -80.41 -9.77
N VAL A 358 -7.20 -80.88 -10.60
CA VAL A 358 -8.00 -79.97 -11.39
C VAL A 358 -8.74 -78.98 -10.50
N LYS A 359 -9.39 -79.49 -9.47
CA LYS A 359 -10.12 -78.60 -8.58
C LYS A 359 -9.15 -77.63 -7.90
N SER A 360 -8.08 -78.14 -7.32
CA SER A 360 -7.14 -77.27 -6.61
C SER A 360 -6.63 -76.19 -7.53
N LYS A 361 -6.17 -76.60 -8.71
CA LYS A 361 -5.72 -75.67 -9.74
C LYS A 361 -6.83 -74.71 -10.16
N HIS A 362 -8.06 -75.21 -10.24
CA HIS A 362 -9.19 -74.37 -10.62
C HIS A 362 -9.43 -73.26 -9.62
N ARG A 363 -9.43 -73.64 -8.35
CA ARG A 363 -9.65 -72.71 -7.26
C ARG A 363 -8.46 -71.76 -7.11
N ASP A 364 -7.25 -72.30 -7.08
CA ASP A 364 -6.03 -71.48 -7.01
C ASP A 364 -6.05 -70.40 -8.09
N LEU A 365 -6.66 -70.69 -9.23
CA LEU A 365 -6.70 -69.74 -10.32
C LEU A 365 -7.76 -68.67 -10.11
N THR A 366 -8.98 -69.06 -9.75
CA THR A 366 -10.05 -68.07 -9.55
C THR A 366 -9.67 -67.14 -8.40
N ALA A 367 -8.96 -67.68 -7.41
CA ALA A 367 -8.37 -66.88 -6.33
C ALA A 367 -7.43 -65.80 -6.84
N LEU A 368 -6.47 -66.17 -7.67
CA LEU A 368 -5.55 -65.20 -8.26
C LEU A 368 -6.31 -64.23 -9.15
N CYS A 369 -7.35 -64.70 -9.82
CA CYS A 369 -8.15 -63.81 -10.65
C CYS A 369 -8.94 -62.79 -9.82
N LYS A 370 -9.27 -63.12 -8.57
CA LYS A 370 -9.92 -62.15 -7.68
C LYS A 370 -8.93 -61.01 -7.35
N GLU A 371 -7.74 -61.36 -6.87
CA GLU A 371 -6.75 -60.37 -6.47
C GLU A 371 -6.59 -59.31 -7.53
N TYR A 372 -6.37 -59.76 -8.76
CA TYR A 372 -6.08 -58.88 -9.89
C TYR A 372 -7.17 -57.85 -10.13
N ASP A 373 -8.43 -58.25 -9.93
CA ASP A 373 -9.56 -57.33 -10.13
C ASP A 373 -9.60 -56.26 -9.06
N GLU A 374 -9.41 -56.67 -7.80
CA GLU A 374 -9.24 -55.72 -6.69
C GLU A 374 -8.15 -54.70 -6.99
N LEU A 375 -7.07 -55.16 -7.65
CA LEU A 375 -5.99 -54.29 -8.07
C LEU A 375 -6.38 -53.37 -9.22
N ALA A 376 -7.02 -53.91 -10.25
CA ALA A 376 -7.47 -53.09 -11.37
C ALA A 376 -8.53 -52.07 -10.94
N GLU A 377 -9.25 -52.38 -9.84
CA GLU A 377 -10.13 -51.42 -9.18
C GLU A 377 -9.26 -50.29 -8.63
N THR A 378 -8.41 -50.63 -7.66
CA THR A 378 -7.45 -49.69 -7.10
C THR A 378 -6.77 -48.84 -8.16
N GLN A 379 -6.41 -49.46 -9.28
CA GLN A 379 -5.73 -48.76 -10.38
C GLN A 379 -6.58 -47.65 -11.00
N GLY A 380 -7.85 -47.94 -11.25
CA GLY A 380 -8.76 -46.95 -11.84
C GLY A 380 -8.96 -45.71 -10.99
N LYS A 381 -8.95 -45.89 -9.66
CA LYS A 381 -9.06 -44.78 -8.71
C LYS A 381 -7.85 -43.85 -8.75
N LEU A 382 -6.67 -44.45 -8.70
CA LEU A 382 -5.43 -43.69 -8.77
C LEU A 382 -5.29 -43.02 -10.13
N GLU A 383 -5.78 -43.68 -11.17
CA GLU A 383 -5.59 -43.19 -12.52
C GLU A 383 -6.44 -41.96 -12.81
N GLU A 384 -7.66 -41.93 -12.28
CA GLU A 384 -8.56 -40.78 -12.47
C GLU A 384 -8.07 -39.62 -11.62
N LYS A 385 -7.65 -39.91 -10.39
CA LYS A 385 -7.11 -38.89 -9.51
C LYS A 385 -5.96 -38.14 -10.17
N LEU A 386 -4.98 -38.88 -10.69
CA LEU A 386 -3.90 -38.30 -11.48
C LEU A 386 -4.32 -37.22 -12.48
N GLN A 387 -5.41 -37.47 -13.21
CA GLN A 387 -5.87 -36.56 -14.25
C GLN A 387 -6.63 -35.34 -13.68
N GLU A 388 -7.15 -35.50 -12.47
CA GLU A 388 -7.76 -34.40 -11.73
C GLU A 388 -6.69 -33.45 -11.13
N LEU A 389 -5.61 -34.02 -10.59
CA LEU A 389 -4.45 -33.22 -10.15
C LEU A 389 -3.88 -32.45 -11.33
N GLU A 390 -3.79 -33.13 -12.47
CA GLU A 390 -3.35 -32.53 -13.72
C GLU A 390 -4.31 -31.46 -14.23
N ALA A 391 -5.57 -31.53 -13.82
CA ALA A 391 -6.61 -30.60 -14.30
C ALA A 391 -6.54 -29.21 -13.68
N ASN A 392 -6.10 -29.10 -12.44
CA ASN A 392 -6.14 -27.84 -11.70
C ASN A 392 -4.75 -27.37 -11.22
N PRO A 393 -3.87 -27.00 -12.17
CA PRO A 393 -2.51 -26.63 -11.80
C PRO A 393 -2.42 -25.23 -11.16
N PRO A 394 -1.91 -25.14 -9.91
CA PRO A 394 -1.56 -23.85 -9.34
C PRO A 394 -0.92 -22.89 -10.34
N SER A 395 -1.11 -21.60 -10.09
CA SER A 395 -0.79 -20.57 -11.06
C SER A 395 0.68 -20.59 -11.46
N ASP A 396 0.91 -20.31 -12.74
CA ASP A 396 2.22 -20.37 -13.37
C ASP A 396 3.18 -19.22 -12.99
N VAL A 397 2.64 -18.01 -12.81
CA VAL A 397 3.42 -16.79 -12.48
C VAL A 397 2.74 -15.97 -11.37
N TYR A 398 3.48 -15.06 -10.74
CA TYR A 398 2.84 -14.09 -9.83
C TYR A 398 2.25 -12.98 -10.65
N LEU A 399 3.12 -12.30 -11.40
CA LEU A 399 2.68 -11.32 -12.37
C LEU A 399 3.56 -11.44 -13.60
N SER A 400 2.97 -11.16 -14.75
CA SER A 400 3.69 -11.21 -16.02
C SER A 400 4.73 -10.10 -16.08
N SER A 401 5.09 -9.65 -17.27
CA SER A 401 5.88 -8.44 -17.43
C SER A 401 5.02 -7.30 -17.89
N ARG A 402 4.06 -7.62 -18.76
CA ARG A 402 3.04 -6.66 -19.13
C ARG A 402 2.28 -6.20 -17.87
N ASP A 403 2.19 -7.08 -16.86
CA ASP A 403 1.62 -6.71 -15.57
C ASP A 403 2.55 -5.81 -14.77
N ARG A 404 3.75 -6.31 -14.49
CA ARG A 404 4.76 -5.55 -13.76
C ARG A 404 4.90 -4.10 -14.23
N GLN A 405 4.69 -3.86 -15.54
CA GLN A 405 4.71 -2.50 -16.10
C GLN A 405 3.55 -1.67 -15.61
N ILE A 406 2.37 -2.26 -15.66
CA ILE A 406 1.16 -1.59 -15.25
C ILE A 406 1.21 -1.33 -13.75
N LEU A 407 1.72 -2.29 -13.00
CA LEU A 407 1.97 -2.08 -11.58
C LEU A 407 2.91 -0.88 -11.37
N ASP A 408 3.99 -0.82 -12.14
CA ASP A 408 4.94 0.28 -12.04
C ASP A 408 4.26 1.62 -12.28
N TRP A 409 3.20 1.66 -13.06
CA TRP A 409 2.39 2.87 -13.17
C TRP A 409 1.75 3.22 -11.84
N HIS A 410 1.13 2.26 -11.18
CA HIS A 410 0.51 2.52 -9.87
C HIS A 410 1.50 2.98 -8.80
N PHE A 411 2.73 2.50 -8.90
CA PHE A 411 3.81 3.01 -8.08
C PHE A 411 4.16 4.45 -8.48
N ALA A 412 4.36 4.70 -9.76
CA ALA A 412 4.62 6.08 -10.22
C ALA A 412 3.57 7.03 -9.67
N ASN A 413 2.32 6.62 -9.72
CA ASN A 413 1.27 7.44 -9.16
C ASN A 413 1.49 7.72 -7.67
N LEU A 414 2.05 6.75 -6.96
CA LEU A 414 2.38 6.94 -5.55
C LEU A 414 3.58 7.89 -5.36
N GLU A 415 4.58 7.73 -6.20
CA GLU A 415 5.77 8.58 -6.15
C GLU A 415 5.35 10.00 -6.49
N PHE A 416 4.34 10.10 -7.34
CA PHE A 416 3.77 11.37 -7.67
C PHE A 416 3.18 12.05 -6.43
N ALA A 417 2.26 11.38 -5.76
CA ALA A 417 1.58 11.99 -4.61
C ALA A 417 2.51 12.49 -3.53
N ASN A 418 3.58 11.73 -3.26
CA ASN A 418 4.52 12.08 -2.20
C ASN A 418 5.75 12.79 -2.71
N ALA A 419 5.81 12.93 -4.03
CA ALA A 419 6.84 13.71 -4.69
C ALA A 419 8.21 13.18 -4.36
N THR A 420 8.38 11.87 -4.44
CA THR A 420 9.66 11.28 -4.16
C THR A 420 9.67 9.80 -4.51
N PRO A 421 10.84 9.28 -4.86
CA PRO A 421 10.96 7.85 -5.04
C PRO A 421 10.66 7.07 -3.76
N LEU A 422 9.92 5.97 -3.91
CA LEU A 422 9.52 5.14 -2.77
C LEU A 422 10.70 4.59 -1.97
N SER A 423 11.87 4.52 -2.60
CA SER A 423 13.08 4.10 -1.91
C SER A 423 13.49 5.08 -0.82
N THR A 424 12.90 6.28 -0.84
CA THR A 424 13.23 7.32 0.13
C THR A 424 12.23 7.48 1.28
N LEU A 425 11.00 7.04 1.07
CA LEU A 425 9.96 7.17 2.09
C LEU A 425 10.20 6.29 3.29
N SER A 426 9.93 6.82 4.48
CA SER A 426 9.97 6.03 5.69
C SER A 426 8.85 5.03 5.64
N LEU A 427 9.17 3.75 5.72
CA LEU A 427 8.14 2.72 5.82
C LEU A 427 7.25 2.97 7.03
N LYS A 428 7.85 3.15 8.20
CA LYS A 428 7.06 3.38 9.39
C LYS A 428 6.18 4.60 9.35
N HIS A 429 6.61 5.67 8.68
CA HIS A 429 5.99 6.97 8.92
C HIS A 429 5.41 7.76 7.77
N TRP A 430 5.64 7.35 6.53
CA TRP A 430 5.26 8.17 5.39
C TRP A 430 3.80 8.65 5.39
N ASP A 431 2.89 7.80 5.85
CA ASP A 431 1.47 8.09 5.79
C ASP A 431 0.94 8.61 7.13
N GLN A 432 1.82 9.06 8.01
CA GLN A 432 1.39 9.53 9.34
C GLN A 432 0.28 10.63 9.36
N ASP A 433 0.20 11.42 8.31
CA ASP A 433 -0.82 12.46 8.19
C ASP A 433 -2.17 11.97 7.66
N ASP A 434 -2.30 10.65 7.49
CA ASP A 434 -3.48 10.08 6.83
C ASP A 434 -4.69 10.18 7.73
N ASP A 435 -4.46 10.36 9.02
CA ASP A 435 -5.55 10.37 9.98
C ASP A 435 -6.26 11.70 10.02
N PHE A 436 -5.64 12.72 9.45
CA PHE A 436 -6.18 14.06 9.56
C PHE A 436 -6.70 14.59 8.25
N GLU A 437 -6.74 13.73 7.23
CA GLU A 437 -7.21 14.16 5.92
C GLU A 437 -8.64 14.61 6.07
N PHE A 438 -9.01 15.60 5.26
CA PHE A 438 -10.34 16.17 5.37
C PHE A 438 -11.38 15.24 4.77
N THR A 439 -12.64 15.67 4.77
CA THR A 439 -13.72 14.90 4.18
C THR A 439 -14.27 15.65 2.98
N GLY A 440 -14.86 14.89 2.05
CA GLY A 440 -15.42 15.46 0.83
C GLY A 440 -14.47 15.40 -0.35
N SER A 441 -14.97 15.80 -1.52
CA SER A 441 -14.22 15.62 -2.74
C SER A 441 -13.06 16.56 -2.80
N HIS A 442 -12.06 16.15 -3.59
CA HIS A 442 -10.93 16.98 -3.94
C HIS A 442 -11.34 17.82 -5.13
N LEU A 443 -11.06 19.11 -5.06
CA LEU A 443 -11.48 20.06 -6.09
C LEU A 443 -10.28 20.73 -6.68
N THR A 444 -10.36 21.11 -7.96
CA THR A 444 -9.34 21.99 -8.49
C THR A 444 -9.75 23.45 -8.30
N VAL A 445 -8.76 24.33 -8.35
CA VAL A 445 -9.03 25.73 -8.48
C VAL A 445 -8.87 26.00 -9.96
N ARG A 446 -10.01 26.27 -10.61
CA ARG A 446 -10.07 26.40 -12.07
C ARG A 446 -9.54 27.73 -12.59
N ASN A 447 -9.72 28.78 -11.79
CA ASN A 447 -9.31 30.14 -12.17
C ASN A 447 -7.87 30.43 -11.81
N GLY A 448 -7.13 29.42 -11.38
CA GLY A 448 -5.74 29.60 -10.98
C GLY A 448 -5.65 29.88 -9.49
N TYR A 449 -4.85 29.09 -8.79
CA TYR A 449 -4.72 29.18 -7.32
C TYR A 449 -4.06 30.52 -6.89
N SER A 450 -3.33 31.17 -7.80
CA SER A 450 -2.66 32.45 -7.50
C SER A 450 -3.66 33.47 -6.95
N CYS A 451 -4.91 33.38 -7.36
CA CYS A 451 -5.97 34.20 -6.78
C CYS A 451 -5.90 34.35 -5.25
N VAL A 452 -5.42 33.32 -4.54
CA VAL A 452 -5.45 33.31 -3.07
C VAL A 452 -4.32 34.06 -2.37
N PRO A 453 -3.08 33.84 -2.76
CA PRO A 453 -2.06 34.68 -2.17
C PRO A 453 -2.26 36.15 -2.54
N VAL A 454 -2.51 36.39 -3.82
CA VAL A 454 -2.70 37.76 -4.29
C VAL A 454 -3.77 38.46 -3.46
N ALA A 455 -4.91 37.80 -3.30
CA ALA A 455 -5.93 38.30 -2.38
C ALA A 455 -5.34 38.65 -1.02
N LEU A 456 -4.59 37.72 -0.43
CA LEU A 456 -4.04 37.89 0.92
C LEU A 456 -3.08 39.05 1.06
N ALA A 457 -2.34 39.32 -0.01
CA ALA A 457 -1.31 40.33 0.00
C ALA A 457 -1.82 41.79 -0.05
N GLU A 458 -3.14 42.01 -0.01
CA GLU A 458 -3.67 43.38 -0.02
C GLU A 458 -3.41 44.10 1.29
N GLY A 459 -2.73 45.23 1.18
CA GLY A 459 -2.47 46.11 2.31
C GLY A 459 -1.38 45.56 3.18
N LEU A 460 -0.34 45.03 2.56
CA LEU A 460 0.77 44.42 3.28
C LEU A 460 2.05 44.97 2.74
N ASP A 461 3.01 45.19 3.63
CA ASP A 461 4.27 45.80 3.24
C ASP A 461 5.19 44.72 2.69
N ILE A 462 5.24 44.61 1.37
CA ILE A 462 5.94 43.51 0.76
C ILE A 462 7.06 43.97 -0.15
N LYS A 463 8.29 43.74 0.27
CA LYS A 463 9.43 44.10 -0.54
C LYS A 463 9.79 42.94 -1.48
N LEU A 464 9.39 42.99 -2.74
CA LEU A 464 9.75 41.94 -3.70
C LEU A 464 11.18 42.14 -4.14
N ASN A 465 11.73 41.15 -4.85
CA ASN A 465 13.12 41.20 -5.34
C ASN A 465 14.16 41.49 -4.26
N THR A 466 13.90 40.96 -3.09
CA THR A 466 14.72 41.18 -1.92
C THR A 466 15.06 39.82 -1.35
N ALA A 467 16.25 39.37 -1.71
CA ALA A 467 16.73 38.06 -1.34
C ALA A 467 17.46 38.14 -0.03
N VAL A 468 16.90 37.55 1.02
CA VAL A 468 17.62 37.51 2.26
C VAL A 468 18.89 36.67 2.11
N ARG A 469 19.96 37.19 2.70
CA ARG A 469 21.29 36.59 2.64
C ARG A 469 21.80 36.13 3.99
N GLN A 470 21.40 36.81 5.06
CA GLN A 470 21.93 36.56 6.40
C GLN A 470 20.96 37.00 7.48
N VAL A 471 20.90 36.24 8.56
CA VAL A 471 19.97 36.50 9.65
C VAL A 471 20.74 36.51 10.96
N ARG A 472 20.78 37.67 11.62
CA ARG A 472 21.49 37.82 12.89
C ARG A 472 20.47 38.06 13.97
N TYR A 473 20.60 37.33 15.08
CA TYR A 473 19.67 37.44 16.20
C TYR A 473 20.44 37.47 17.52
N THR A 474 20.01 38.35 18.40
CA THR A 474 20.65 38.52 19.71
C THR A 474 19.60 38.89 20.74
N ALA A 475 19.99 38.87 22.01
CA ALA A 475 19.07 39.23 23.07
C ALA A 475 18.40 40.58 22.82
N SER A 476 19.16 41.53 22.28
CA SER A 476 18.74 42.92 22.02
C SER A 476 17.65 43.03 20.98
N GLY A 477 17.69 42.13 20.01
CA GLY A 477 16.84 42.16 18.83
C GLY A 477 17.62 41.52 17.69
N CYS A 478 17.10 41.61 16.48
CA CYS A 478 17.76 40.99 15.33
C CYS A 478 17.83 41.93 14.15
N GLU A 479 18.78 41.64 13.25
CA GLU A 479 18.87 42.32 11.97
C GLU A 479 19.01 41.34 10.83
N VAL A 480 18.36 41.67 9.72
CA VAL A 480 18.32 40.83 8.53
C VAL A 480 18.97 41.57 7.38
N ILE A 481 19.80 40.87 6.63
CA ILE A 481 20.53 41.46 5.54
C ILE A 481 20.10 40.85 4.23
N ALA A 482 19.45 41.63 3.39
CA ALA A 482 19.04 41.18 2.06
C ALA A 482 19.80 41.94 0.98
N VAL A 483 19.55 41.56 -0.28
CA VAL A 483 20.06 42.31 -1.43
C VAL A 483 19.02 42.37 -2.51
N ASN A 484 19.18 43.33 -3.42
CA ASN A 484 18.35 43.35 -4.61
C ASN A 484 18.75 42.21 -5.54
N THR A 485 17.75 41.53 -6.09
CA THR A 485 18.00 40.40 -6.96
C THR A 485 18.55 40.87 -8.28
N ARG A 486 18.15 42.07 -8.68
CA ARG A 486 18.50 42.59 -9.99
C ARG A 486 19.93 43.12 -10.03
N SER A 487 20.31 43.97 -9.07
CA SER A 487 21.73 44.34 -8.87
C SER A 487 22.16 43.75 -7.53
N THR A 488 22.78 42.58 -7.59
CA THR A 488 23.08 41.83 -6.37
C THR A 488 23.92 42.68 -5.40
N SER A 489 24.67 43.65 -5.92
CA SER A 489 25.53 44.51 -5.12
C SER A 489 24.78 45.48 -4.19
N GLN A 490 23.56 45.81 -4.53
CA GLN A 490 22.76 46.77 -3.74
C GLN A 490 22.18 46.11 -2.50
N THR A 491 22.50 46.66 -1.33
CA THR A 491 22.34 45.95 -0.05
C THR A 491 21.36 46.61 0.93
N PHE A 492 20.52 45.79 1.57
CA PHE A 492 19.52 46.28 2.52
C PHE A 492 19.73 45.69 3.91
N ILE A 493 19.29 46.42 4.92
CA ILE A 493 19.42 46.00 6.31
C ILE A 493 18.18 46.36 7.08
N TYR A 494 17.57 45.38 7.75
CA TYR A 494 16.33 45.58 8.50
C TYR A 494 16.52 45.20 9.96
N LYS A 495 15.99 46.01 10.87
CA LYS A 495 16.06 45.71 12.30
C LYS A 495 14.66 45.47 12.82
N CYS A 496 14.54 44.56 13.78
CA CYS A 496 13.22 44.17 14.28
C CYS A 496 13.34 43.42 15.58
N ASP A 497 12.24 43.37 16.31
CA ASP A 497 12.19 42.58 17.55
C ASP A 497 12.23 41.05 17.29
N ALA A 498 11.71 40.63 16.13
CA ALA A 498 11.57 39.20 15.84
C ALA A 498 11.61 38.91 14.35
N VAL A 499 12.08 37.72 14.00
CA VAL A 499 12.07 37.25 12.61
C VAL A 499 11.26 35.97 12.47
N LEU A 500 10.47 35.91 11.40
CA LEU A 500 9.70 34.74 11.09
C LEU A 500 10.22 34.15 9.80
N CYS A 501 10.79 32.97 9.89
CA CYS A 501 11.40 32.32 8.74
C CYS A 501 10.43 31.35 8.07
N THR A 502 9.92 31.73 6.89
CA THR A 502 9.13 30.80 6.07
C THR A 502 9.94 30.28 4.87
N LEU A 503 11.25 30.27 5.01
CA LEU A 503 12.11 29.69 4.00
C LEU A 503 11.75 28.23 3.82
N PRO A 504 11.58 27.79 2.56
CA PRO A 504 11.32 26.41 2.18
C PRO A 504 12.37 25.48 2.70
N LEU A 505 11.98 24.23 2.93
CA LEU A 505 12.90 23.26 3.52
C LEU A 505 14.10 23.03 2.61
N GLY A 506 13.85 23.05 1.30
CA GLY A 506 14.93 22.97 0.32
C GLY A 506 15.98 24.07 0.48
N VAL A 507 15.52 25.29 0.72
CA VAL A 507 16.43 26.41 0.92
C VAL A 507 17.23 26.13 2.17
N LEU A 508 16.53 25.85 3.27
CA LEU A 508 17.18 25.57 4.54
C LEU A 508 18.20 24.46 4.42
N LYS A 509 17.97 23.52 3.51
CA LYS A 509 18.85 22.38 3.40
C LYS A 509 20.13 22.73 2.68
N GLN A 510 20.15 23.87 2.01
CA GLN A 510 21.14 24.17 0.96
C GLN A 510 22.57 24.13 1.48
N GLN A 511 23.47 23.51 0.72
CA GLN A 511 24.87 23.46 1.08
C GLN A 511 25.79 23.65 -0.12
N PRO A 512 26.68 24.65 -0.06
CA PRO A 512 26.77 25.57 1.06
C PRO A 512 25.56 26.54 1.13
N PRO A 513 25.32 27.13 2.31
CA PRO A 513 24.10 27.86 2.65
C PRO A 513 23.80 29.08 1.82
N ALA A 514 22.60 29.15 1.27
CA ALA A 514 22.07 30.36 0.63
C ALA A 514 21.80 31.47 1.65
N VAL A 515 21.39 31.07 2.84
CA VAL A 515 21.16 32.01 3.93
C VAL A 515 21.97 31.58 5.14
N GLN A 516 22.58 32.56 5.79
CA GLN A 516 23.49 32.33 6.88
C GLN A 516 22.85 32.82 8.18
N PHE A 517 22.93 32.00 9.24
CA PHE A 517 22.40 32.39 10.53
C PHE A 517 23.52 32.76 11.50
N VAL A 518 23.34 33.88 12.19
CA VAL A 518 24.31 34.40 13.14
C VAL A 518 23.67 34.75 14.49
N PRO A 519 23.81 33.87 15.49
CA PRO A 519 24.68 32.68 15.42
C PRO A 519 24.09 31.51 14.67
N PRO A 520 24.92 30.52 14.35
CA PRO A 520 24.40 29.43 13.57
C PRO A 520 23.35 28.66 14.37
N LEU A 521 22.46 27.98 13.64
CA LEU A 521 21.34 27.29 14.25
C LEU A 521 21.82 26.08 15.05
N PRO A 522 21.16 25.78 16.17
CA PRO A 522 21.46 24.66 17.06
C PRO A 522 21.49 23.38 16.29
N GLU A 523 22.30 22.44 16.75
CA GLU A 523 22.44 21.20 16.01
C GLU A 523 21.09 20.49 15.96
N TRP A 524 20.30 20.62 17.03
CA TRP A 524 19.00 19.95 17.03
C TRP A 524 18.09 20.41 15.91
N LYS A 525 18.23 21.68 15.54
CA LYS A 525 17.51 22.18 14.41
C LYS A 525 18.07 21.65 13.08
N THR A 526 19.39 21.70 12.93
CA THR A 526 19.98 21.39 11.63
C THR A 526 19.90 19.92 11.27
N SER A 527 20.01 19.07 12.29
CA SER A 527 19.83 17.61 12.15
C SER A 527 18.45 17.29 11.63
N ALA A 528 17.45 17.96 12.19
CA ALA A 528 16.09 17.79 11.72
C ALA A 528 15.97 18.18 10.28
N VAL A 529 16.61 19.27 9.90
CA VAL A 529 16.61 19.67 8.49
C VAL A 529 17.23 18.57 7.62
N GLN A 530 18.38 18.04 8.03
CA GLN A 530 18.98 16.91 7.31
C GLN A 530 18.06 15.69 7.19
N ARG A 531 17.38 15.34 8.28
CA ARG A 531 16.64 14.08 8.30
C ARG A 531 15.39 14.18 7.47
N MET A 532 14.70 15.31 7.60
CA MET A 532 13.45 15.54 6.87
C MET A 532 13.72 15.38 5.38
N GLY A 533 12.70 15.09 4.61
CA GLY A 533 12.87 14.84 3.18
C GLY A 533 12.25 15.95 2.40
N PHE A 534 12.87 16.36 1.30
CA PHE A 534 12.28 17.40 0.47
C PHE A 534 12.25 16.93 -0.96
N GLY A 535 11.04 16.58 -1.40
CA GLY A 535 10.82 15.90 -2.66
C GLY A 535 10.73 16.82 -3.84
N ASN A 536 10.29 16.27 -4.97
CA ASN A 536 10.24 16.94 -6.27
C ASN A 536 9.18 16.28 -7.15
N LEU A 537 8.54 17.10 -7.97
CA LEU A 537 7.44 16.68 -8.80
C LEU A 537 7.17 17.81 -9.76
N ASN A 538 7.06 17.53 -11.06
CA ASN A 538 7.04 18.58 -12.06
C ASN A 538 5.94 18.47 -13.11
N LYS A 539 5.39 19.62 -13.52
CA LYS A 539 4.25 19.69 -14.46
C LYS A 539 4.64 20.25 -15.85
N VAL A 540 3.99 19.73 -16.88
CA VAL A 540 4.19 20.18 -18.27
C VAL A 540 2.88 20.68 -18.85
N VAL A 541 2.89 21.92 -19.33
CA VAL A 541 1.66 22.59 -19.76
C VAL A 541 1.56 22.65 -21.28
N LEU A 542 0.47 22.09 -21.80
CA LEU A 542 0.26 21.98 -23.23
C LEU A 542 -1.01 22.72 -23.62
N CYS A 543 -0.82 23.84 -24.32
CA CYS A 543 -1.90 24.67 -24.84
C CYS A 543 -2.13 24.41 -26.32
N PHE A 544 -3.27 23.80 -26.60
CA PHE A 544 -3.64 23.54 -27.97
C PHE A 544 -4.71 24.52 -28.32
N ASP A 545 -5.20 24.42 -29.55
CA ASP A 545 -6.41 25.13 -29.94
C ASP A 545 -7.61 24.17 -29.83
N ARG A 546 -7.53 22.98 -30.43
CA ARG A 546 -8.70 22.08 -30.45
C ARG A 546 -8.66 21.01 -29.35
N VAL A 547 -9.82 20.75 -28.75
CA VAL A 547 -9.99 19.63 -27.84
C VAL A 547 -10.02 18.32 -28.64
N PHE A 548 -8.88 17.62 -28.70
CA PHE A 548 -8.80 16.34 -29.41
C PHE A 548 -8.86 15.10 -28.53
N TRP A 549 -9.24 15.25 -27.27
CA TRP A 549 -9.30 14.12 -26.33
C TRP A 549 -10.73 14.00 -25.91
N ASP A 550 -11.01 13.00 -25.09
CA ASP A 550 -12.34 12.85 -24.53
C ASP A 550 -12.54 13.92 -23.46
N PRO A 551 -13.52 14.82 -23.67
CA PRO A 551 -13.79 15.85 -22.67
C PRO A 551 -14.50 15.33 -21.44
N SER A 552 -15.18 14.19 -21.53
CA SER A 552 -15.82 13.64 -20.34
C SER A 552 -14.80 12.96 -19.43
N VAL A 553 -13.58 12.76 -19.95
CA VAL A 553 -12.48 12.25 -19.15
C VAL A 553 -11.51 13.36 -18.67
N ASN A 554 -11.41 13.47 -17.35
CA ASN A 554 -10.56 14.46 -16.70
C ASN A 554 -9.09 14.14 -16.75
N LEU A 555 -8.80 12.85 -16.58
CA LEU A 555 -7.44 12.38 -16.47
C LEU A 555 -7.29 10.96 -17.00
N PHE A 556 -6.16 10.73 -17.64
CA PHE A 556 -5.82 9.43 -18.17
C PHE A 556 -4.34 9.21 -18.05
N GLY A 557 -3.94 7.96 -17.89
CA GLY A 557 -2.54 7.60 -17.68
C GLY A 557 -1.89 7.02 -18.90
N HIS A 558 -0.56 6.98 -18.88
CA HIS A 558 0.22 6.30 -19.89
C HIS A 558 1.22 5.45 -19.17
N VAL A 559 1.37 4.20 -19.59
CA VAL A 559 2.22 3.24 -18.89
C VAL A 559 3.61 3.22 -19.49
N GLY A 560 4.60 3.65 -18.72
CA GLY A 560 5.98 3.67 -19.18
C GLY A 560 6.44 2.24 -19.36
N SER A 561 7.41 2.05 -20.25
CA SER A 561 7.93 0.73 -20.57
C SER A 561 8.74 0.10 -19.42
N THR A 562 9.64 0.89 -18.83
CA THR A 562 10.50 0.39 -17.77
C THR A 562 10.10 0.89 -16.41
N THR A 563 10.50 0.13 -15.39
CA THR A 563 10.55 0.60 -14.01
C THR A 563 11.30 1.95 -13.94
N ALA A 564 12.49 1.98 -14.51
CA ALA A 564 13.35 3.15 -14.44
C ALA A 564 12.64 4.43 -14.84
N SER A 565 11.81 4.36 -15.88
CA SER A 565 11.19 5.57 -16.42
C SER A 565 9.67 5.51 -16.29
N ARG A 566 9.20 4.94 -15.18
CA ARG A 566 7.76 4.89 -14.91
C ARG A 566 7.18 6.26 -14.62
N GLY A 567 8.02 7.17 -14.17
CA GLY A 567 7.59 8.54 -13.88
C GLY A 567 7.31 9.40 -15.10
N GLU A 568 7.99 9.13 -16.21
CA GLU A 568 7.91 10.02 -17.39
C GLU A 568 6.52 10.16 -17.98
N LEU A 569 5.90 11.30 -17.72
CA LEU A 569 4.68 11.65 -18.41
C LEU A 569 3.70 10.52 -18.23
N PHE A 570 3.63 10.02 -17.01
CA PHE A 570 2.87 8.84 -16.70
C PHE A 570 1.39 9.13 -16.52
N LEU A 571 1.02 10.42 -16.50
CA LEU A 571 -0.36 10.81 -16.26
C LEU A 571 -0.66 12.19 -16.85
N PHE A 572 -1.89 12.37 -17.34
CA PHE A 572 -2.28 13.60 -18.05
C PHE A 572 -3.56 14.19 -17.48
N TRP A 573 -3.72 15.51 -17.59
CA TRP A 573 -4.85 16.22 -16.98
C TRP A 573 -5.55 17.22 -17.90
N ASN A 574 -6.81 16.93 -18.22
CA ASN A 574 -7.71 17.93 -18.74
C ASN A 574 -8.55 18.33 -17.57
N LEU A 575 -8.18 19.43 -16.91
CA LEU A 575 -8.97 19.91 -15.78
C LEU A 575 -9.44 21.34 -15.90
N TYR A 576 -9.12 21.97 -17.03
CA TYR A 576 -9.35 23.39 -17.20
C TYR A 576 -10.30 23.64 -18.36
N LYS A 577 -10.85 24.86 -18.38
CA LYS A 577 -11.93 25.21 -19.30
C LYS A 577 -11.42 25.20 -20.71
N ALA A 578 -10.31 25.90 -20.90
CA ALA A 578 -9.62 25.95 -22.19
C ALA A 578 -9.22 24.54 -22.72
N PRO A 579 -8.51 24.49 -23.85
CA PRO A 579 -8.04 23.24 -24.40
C PRO A 579 -6.63 22.96 -23.89
N ILE A 580 -6.55 22.44 -22.68
CA ILE A 580 -5.28 22.43 -21.99
C ILE A 580 -5.05 21.14 -21.22
N LEU A 581 -3.92 20.52 -21.58
CA LEU A 581 -3.54 19.24 -21.03
C LEU A 581 -2.24 19.37 -20.26
N LEU A 582 -2.28 18.96 -18.99
CA LEU A 582 -1.07 18.90 -18.19
C LEU A 582 -0.57 17.47 -18.17
N ALA A 583 0.75 17.34 -18.10
CA ALA A 583 1.40 16.04 -18.01
C ALA A 583 2.41 16.05 -16.88
N LEU A 584 2.43 14.98 -16.08
CA LEU A 584 3.23 14.94 -14.87
C LEU A 584 4.52 14.16 -15.01
N VAL A 585 5.59 14.69 -14.42
CA VAL A 585 6.83 13.94 -14.26
C VAL A 585 7.06 13.69 -12.79
N ALA A 586 7.14 12.42 -12.41
CA ALA A 586 7.22 12.07 -11.00
C ALA A 586 8.38 11.12 -10.77
N GLY A 587 8.55 10.73 -9.51
CA GLY A 587 9.55 9.74 -9.15
C GLY A 587 10.96 10.12 -9.53
N GLU A 588 11.78 9.10 -9.75
CA GLU A 588 13.17 9.32 -10.13
C GLU A 588 13.26 10.18 -11.37
N ALA A 589 12.29 9.98 -12.27
CA ALA A 589 12.24 10.66 -13.55
C ALA A 589 12.23 12.17 -13.43
N ALA A 590 11.50 12.71 -12.44
CA ALA A 590 11.39 14.16 -12.27
C ALA A 590 12.74 14.83 -12.21
N GLY A 591 13.61 14.27 -11.37
CA GLY A 591 14.93 14.86 -11.16
C GLY A 591 15.79 14.86 -12.41
N ILE A 592 15.58 13.89 -13.28
CA ILE A 592 16.42 13.71 -14.46
C ILE A 592 15.88 14.51 -15.63
N MET A 593 14.56 14.56 -15.76
CA MET A 593 13.91 15.34 -16.81
C MET A 593 14.21 16.82 -16.67
N GLU A 594 14.77 17.24 -15.54
CA GLU A 594 15.21 18.62 -15.38
C GLU A 594 16.60 18.88 -16.04
N ASN A 595 17.05 18.03 -16.97
CA ASN A 595 18.22 18.38 -17.83
C ASN A 595 17.93 18.22 -19.31
N ILE A 596 16.66 18.02 -19.63
CA ILE A 596 16.23 17.83 -21.01
C ILE A 596 15.51 19.12 -21.39
N SER A 597 15.79 19.66 -22.58
CA SER A 597 15.20 20.92 -23.00
C SER A 597 13.68 20.83 -23.16
N ASP A 598 13.02 21.98 -23.09
CA ASP A 598 11.57 22.05 -23.20
C ASP A 598 11.09 21.34 -24.46
N ASP A 599 11.80 21.63 -25.55
CA ASP A 599 11.43 21.13 -26.87
C ASP A 599 11.35 19.60 -26.86
N VAL A 600 12.44 18.96 -26.42
CA VAL A 600 12.49 17.49 -26.33
C VAL A 600 11.34 16.94 -25.49
N ILE A 601 11.07 17.60 -24.38
CA ILE A 601 10.06 17.15 -23.43
C ILE A 601 8.69 17.21 -24.07
N VAL A 602 8.44 18.29 -24.80
CA VAL A 602 7.16 18.41 -25.52
C VAL A 602 7.14 17.38 -26.65
N GLY A 603 8.29 17.18 -27.29
CA GLY A 603 8.43 16.08 -28.27
C GLY A 603 7.88 14.79 -27.69
N ARG A 604 8.49 14.36 -26.59
CA ARG A 604 8.09 13.12 -25.96
C ARG A 604 6.61 13.06 -25.66
N CYS A 605 6.03 14.20 -25.25
CA CYS A 605 4.60 14.26 -24.94
C CYS A 605 3.75 14.00 -26.16
N LEU A 606 4.07 14.72 -27.22
CA LEU A 606 3.29 14.67 -28.44
C LEU A 606 3.30 13.24 -28.96
N ALA A 607 4.49 12.68 -29.12
CA ALA A 607 4.68 11.27 -29.40
C ALA A 607 3.71 10.41 -28.57
N ILE A 608 3.82 10.47 -27.24
CA ILE A 608 2.92 9.73 -26.35
C ILE A 608 1.47 9.99 -26.79
N LEU A 609 1.16 11.27 -27.00
CA LEU A 609 -0.19 11.73 -27.33
C LEU A 609 -0.71 11.31 -28.71
N LYS A 610 0.15 10.73 -29.55
CA LYS A 610 -0.28 10.24 -30.84
C LYS A 610 -0.61 8.75 -30.79
N GLY A 611 0.04 8.01 -29.91
CA GLY A 611 -0.31 6.61 -29.66
C GLY A 611 -1.80 6.47 -29.42
N ILE A 612 -2.22 6.75 -28.19
CA ILE A 612 -3.65 6.94 -27.83
C ILE A 612 -4.60 7.53 -28.88
N PHE A 613 -4.21 8.62 -29.58
CA PHE A 613 -5.18 9.42 -30.34
C PHE A 613 -4.98 9.51 -31.87
N GLY A 614 -3.77 9.19 -32.35
CA GLY A 614 -3.48 9.12 -33.78
C GLY A 614 -2.90 10.40 -34.34
N SER A 615 -1.88 10.25 -35.18
CA SER A 615 -1.10 11.39 -35.71
C SER A 615 -1.90 12.48 -36.43
N SER A 616 -3.10 12.14 -36.87
CA SER A 616 -4.01 13.13 -37.47
C SER A 616 -4.55 14.07 -36.42
N ALA A 617 -5.08 13.50 -35.33
CA ALA A 617 -5.82 14.27 -34.33
C ALA A 617 -4.97 15.18 -33.42
N VAL A 618 -3.64 15.04 -33.47
CA VAL A 618 -2.75 15.72 -32.52
C VAL A 618 -1.96 16.88 -33.14
N PRO A 619 -2.43 18.11 -32.92
CA PRO A 619 -1.75 19.28 -33.49
C PRO A 619 -0.53 19.66 -32.70
N GLN A 620 0.23 20.62 -33.19
CA GLN A 620 1.28 21.23 -32.39
C GLN A 620 0.62 22.09 -31.31
N PRO A 621 1.33 22.33 -30.19
CA PRO A 621 0.81 23.21 -29.17
C PRO A 621 1.19 24.67 -29.44
N LYS A 622 0.29 25.60 -29.17
CA LYS A 622 0.57 27.02 -29.35
C LYS A 622 1.57 27.53 -28.32
N GLU A 623 1.24 27.32 -27.04
CA GLU A 623 2.07 27.73 -25.92
C GLU A 623 2.41 26.53 -25.02
N THR A 624 3.65 26.47 -24.53
CA THR A 624 4.06 25.42 -23.61
C THR A 624 4.96 25.90 -22.48
N VAL A 625 4.76 25.30 -21.31
CA VAL A 625 5.60 25.54 -20.12
C VAL A 625 6.01 24.23 -19.46
N VAL A 626 7.25 24.20 -18.98
CA VAL A 626 7.76 23.09 -18.18
C VAL A 626 8.32 23.66 -16.90
N SER A 627 8.01 23.03 -15.76
CA SER A 627 8.57 23.46 -14.48
C SER A 627 9.86 22.72 -14.11
N ARG A 628 10.59 23.29 -13.16
CA ARG A 628 11.92 22.82 -12.79
C ARG A 628 12.10 23.17 -11.33
N TRP A 629 11.22 22.57 -10.53
CA TRP A 629 11.10 22.96 -9.16
C TRP A 629 12.36 22.71 -8.37
N ARG A 630 13.10 21.66 -8.68
CA ARG A 630 14.32 21.44 -7.90
C ARG A 630 15.42 22.42 -8.28
N ALA A 631 15.49 22.79 -9.55
CA ALA A 631 16.45 23.80 -9.99
C ALA A 631 16.09 25.22 -9.53
N ASP A 632 14.80 25.48 -9.31
CA ASP A 632 14.37 26.79 -8.84
C ASP A 632 14.95 27.13 -7.47
N PRO A 633 15.84 28.11 -7.40
CA PRO A 633 16.58 28.34 -6.17
C PRO A 633 15.82 28.98 -5.02
N TRP A 634 14.55 29.36 -5.22
CA TRP A 634 13.72 29.84 -4.10
C TRP A 634 12.75 28.76 -3.61
N ALA A 635 13.20 27.52 -3.75
CA ALA A 635 12.37 26.36 -3.51
C ALA A 635 13.23 25.13 -3.32
N ARG A 636 14.12 24.85 -4.28
CA ARG A 636 15.05 23.73 -4.20
C ARG A 636 14.30 22.40 -4.15
N GLY A 637 13.12 22.36 -4.77
CA GLY A 637 12.24 21.18 -4.73
C GLY A 637 10.76 21.54 -4.63
N SER A 638 9.91 20.55 -4.38
CA SER A 638 8.47 20.74 -4.41
C SER A 638 7.80 20.78 -3.03
N TYR A 639 7.92 19.72 -2.25
CA TYR A 639 7.43 19.73 -0.86
C TYR A 639 7.96 18.56 -0.03
N SER A 640 7.77 18.61 1.27
CA SER A 640 8.42 17.67 2.16
C SER A 640 7.81 16.29 2.15
N TYR A 641 8.59 15.32 2.60
CA TYR A 641 8.13 13.95 2.76
C TYR A 641 8.87 13.32 3.89
N VAL A 642 8.22 12.42 4.61
CA VAL A 642 8.85 11.79 5.77
C VAL A 642 9.84 10.80 5.24
N ALA A 643 11.10 11.20 5.18
CA ALA A 643 12.09 10.35 4.59
C ALA A 643 12.37 9.27 5.59
N ALA A 644 12.87 8.13 5.11
CA ALA A 644 13.28 7.05 5.98
C ALA A 644 14.36 7.57 6.91
N GLY A 645 14.20 7.25 8.19
CA GLY A 645 15.11 7.76 9.20
C GLY A 645 14.55 8.97 9.90
N SER A 646 13.47 9.55 9.37
CA SER A 646 12.79 10.66 10.02
C SER A 646 11.49 10.14 10.59
N SER A 647 10.81 11.02 11.33
CA SER A 647 9.47 10.80 11.82
C SER A 647 8.74 12.13 11.75
N GLY A 648 7.47 12.13 12.10
CA GLY A 648 6.69 13.36 12.11
C GLY A 648 7.19 14.27 13.22
N ASN A 649 7.93 13.67 14.14
CA ASN A 649 8.50 14.44 15.20
C ASN A 649 9.47 15.53 14.73
N ASP A 650 10.12 15.32 13.59
CA ASP A 650 11.04 16.30 13.10
C ASP A 650 10.28 17.54 12.70
N TYR A 651 9.09 17.38 12.12
CA TYR A 651 8.24 18.52 11.82
C TYR A 651 8.04 19.44 13.03
N ASP A 652 7.92 18.85 14.22
CA ASP A 652 7.75 19.66 15.43
C ASP A 652 9.03 20.38 15.81
N LEU A 653 10.15 19.71 15.62
CA LEU A 653 11.42 20.38 15.84
C LEU A 653 11.52 21.63 14.98
N MET A 654 11.20 21.52 13.71
CA MET A 654 11.37 22.65 12.79
C MET A 654 10.46 23.82 13.17
N ALA A 655 9.39 23.58 13.92
CA ALA A 655 8.56 24.69 14.37
C ALA A 655 9.08 25.41 15.65
N GLN A 656 9.82 24.69 16.49
CA GLN A 656 10.38 25.28 17.71
C GLN A 656 11.12 26.56 17.37
N PRO A 657 10.75 27.67 18.01
CA PRO A 657 11.48 28.89 17.78
C PRO A 657 12.84 28.85 18.48
N ILE A 658 13.70 29.84 18.21
CA ILE A 658 15.03 29.88 18.79
C ILE A 658 15.27 31.10 19.67
N THR A 659 15.85 30.86 20.85
CA THR A 659 16.17 31.91 21.80
C THR A 659 17.69 32.14 21.86
N PRO A 660 18.12 33.39 21.60
CA PRO A 660 19.53 33.70 21.63
C PRO A 660 20.13 33.58 23.02
N GLY A 661 21.46 33.44 23.11
CA GLY A 661 22.17 33.54 24.39
C GLY A 661 22.01 34.94 24.99
N PRO A 662 22.29 35.10 26.30
CA PRO A 662 22.12 36.41 26.90
C PRO A 662 23.26 37.33 26.46
N SER A 663 23.05 38.64 26.53
CA SER A 663 24.07 39.60 26.09
C SER A 663 25.23 39.70 27.08
N ILE A 664 24.90 39.97 28.34
CA ILE A 664 25.90 40.19 29.40
C ILE A 664 25.87 38.95 30.30
N PRO A 665 27.01 38.24 30.47
CA PRO A 665 26.90 36.91 31.10
C PRO A 665 26.25 36.98 32.49
N GLY A 666 25.36 36.03 32.79
CA GLY A 666 24.54 36.10 34.00
C GLY A 666 23.46 37.18 33.95
N ALA A 667 23.02 37.57 32.76
CA ALA A 667 21.87 38.45 32.59
C ALA A 667 20.63 37.58 32.56
N PRO A 668 19.42 38.17 32.71
CA PRO A 668 18.28 37.27 32.78
C PRO A 668 18.05 36.52 31.46
N GLN A 669 17.18 35.51 31.51
CA GLN A 669 16.84 34.71 30.34
C GLN A 669 16.13 35.55 29.29
N PRO A 670 16.65 35.54 28.05
CA PRO A 670 15.95 36.30 27.03
C PRO A 670 14.73 35.57 26.43
N ILE A 671 13.67 36.34 26.24
CA ILE A 671 12.82 36.31 25.06
C ILE A 671 13.44 35.56 23.86
N PRO A 672 12.68 34.63 23.26
CA PRO A 672 13.02 34.11 21.94
C PRO A 672 12.78 35.11 20.81
N ARG A 673 13.62 35.04 19.78
CA ARG A 673 13.66 36.03 18.71
C ARG A 673 13.38 35.50 17.30
N LEU A 674 13.76 34.24 17.02
CA LEU A 674 13.68 33.67 15.66
C LEU A 674 12.66 32.53 15.60
N PHE A 675 11.62 32.69 14.77
CA PHE A 675 10.49 31.76 14.68
C PHE A 675 10.39 31.14 13.28
N PHE A 676 9.66 30.04 13.17
CA PHE A 676 9.64 29.28 11.92
C PHE A 676 8.26 28.83 11.49
N ALA A 677 7.91 29.07 10.24
CA ALA A 677 6.67 28.53 9.70
C ALA A 677 6.92 28.00 8.29
N GLY A 678 5.88 27.47 7.69
CA GLY A 678 5.99 26.87 6.38
C GLY A 678 5.41 25.48 6.36
N GLU A 679 5.34 24.94 5.16
CA GLU A 679 4.76 23.63 4.89
C GLU A 679 5.42 22.51 5.71
N HIS A 680 6.68 22.68 6.07
CA HIS A 680 7.45 21.69 6.82
C HIS A 680 7.44 21.92 8.34
N THR A 681 6.55 22.74 8.85
CA THR A 681 6.49 22.96 10.30
C THR A 681 5.28 22.29 10.91
N ILE A 682 4.39 21.80 10.07
CA ILE A 682 3.11 21.38 10.58
C ILE A 682 2.93 19.87 10.41
N ARG A 683 3.24 19.19 11.50
CA ARG A 683 3.22 17.74 11.58
C ARG A 683 1.99 17.06 10.98
N ASN A 684 0.80 17.63 11.17
CA ASN A 684 -0.43 16.94 10.78
C ASN A 684 -0.95 17.32 9.43
N TYR A 685 -0.38 18.37 8.82
CA TYR A 685 -0.84 18.86 7.52
C TYR A 685 0.32 19.20 6.60
N PRO A 686 1.41 18.45 6.73
CA PRO A 686 2.58 18.83 5.98
C PRO A 686 2.35 18.79 4.49
N ALA A 687 3.19 19.55 3.82
CA ALA A 687 3.26 19.57 2.39
C ALA A 687 1.99 19.99 1.68
N THR A 688 1.14 20.77 2.34
CA THR A 688 -0.07 21.27 1.68
C THR A 688 -0.11 22.78 1.78
N VAL A 689 -1.11 23.37 1.14
CA VAL A 689 -1.36 24.79 1.32
C VAL A 689 -1.97 25.02 2.70
N HIS A 690 -3.06 24.34 2.99
CA HIS A 690 -3.71 24.56 4.28
C HIS A 690 -2.73 24.48 5.45
N GLY A 691 -1.78 23.55 5.39
CA GLY A 691 -0.77 23.45 6.45
C GLY A 691 0.11 24.69 6.49
N ALA A 692 0.52 25.17 5.32
CA ALA A 692 1.33 26.37 5.26
C ALA A 692 0.56 27.48 5.96
N LEU A 693 -0.66 27.70 5.50
CA LEU A 693 -1.52 28.69 6.12
C LEU A 693 -1.59 28.46 7.63
N LEU A 694 -1.97 27.26 8.03
CA LEU A 694 -2.13 27.02 9.45
C LEU A 694 -0.88 27.38 10.23
N SER A 695 0.29 27.10 9.66
CA SER A 695 1.56 27.36 10.34
C SER A 695 1.76 28.87 10.57
N GLY A 696 1.52 29.66 9.54
CA GLY A 696 1.47 31.12 9.67
C GLY A 696 0.58 31.58 10.82
N LEU A 697 -0.71 31.30 10.71
CA LEU A 697 -1.63 31.64 11.79
C LEU A 697 -1.04 31.35 13.14
N ARG A 698 -0.42 30.17 13.25
CA ARG A 698 0.08 29.61 14.51
C ARG A 698 1.15 30.47 15.12
N GLU A 699 2.09 30.88 14.28
CA GLU A 699 3.21 31.67 14.74
C GLU A 699 2.72 33.04 15.15
N ALA A 700 1.99 33.70 14.28
CA ALA A 700 1.33 34.94 14.65
C ALA A 700 0.79 34.89 16.09
N GLY A 701 0.17 33.79 16.48
CA GLY A 701 -0.20 33.61 17.88
C GLY A 701 1.00 33.61 18.80
N ARG A 702 1.93 32.68 18.59
CA ARG A 702 3.14 32.53 19.43
C ARG A 702 3.83 33.89 19.60
N ILE A 703 3.94 34.64 18.51
CA ILE A 703 4.67 35.91 18.50
C ILE A 703 3.92 36.96 19.29
N ALA A 704 2.68 37.23 18.92
CA ALA A 704 1.91 38.20 19.66
C ALA A 704 1.88 37.91 21.18
N ASP A 705 1.71 36.65 21.58
CA ASP A 705 1.72 36.34 23.01
C ASP A 705 3.03 36.82 23.67
N GLN A 706 4.12 36.69 22.94
CA GLN A 706 5.43 37.13 23.39
C GLN A 706 5.53 38.64 23.50
N PHE A 707 5.13 39.35 22.46
CA PHE A 707 5.44 40.78 22.35
C PHE A 707 4.29 41.71 22.72
N LEU A 708 3.07 41.18 22.77
CA LEU A 708 1.93 41.95 23.24
C LEU A 708 1.33 41.39 24.52
N GLY A 709 1.80 40.22 24.96
CA GLY A 709 1.25 39.57 26.15
C GLY A 709 -0.13 38.99 25.90
N ALA A 710 -0.49 38.01 26.74
CA ALA A 710 -1.78 37.33 26.64
C ALA A 710 -2.69 37.73 27.80
N MET A 711 -3.70 38.56 27.52
CA MET A 711 -4.60 39.05 28.56
C MET A 711 -5.78 38.10 28.77
N TYR A 712 -5.67 36.90 28.22
CA TYR A 712 -6.74 35.89 28.27
C TYR A 712 -6.45 34.69 29.20
N THR A 713 -5.28 34.68 29.82
CA THR A 713 -4.89 33.61 30.75
C THR A 713 -5.33 33.88 32.21
N LEU A 714 -5.93 35.06 32.47
CA LEU A 714 -6.47 35.43 33.81
C LEU A 714 -7.37 34.34 34.44
N ARG B 4 -4.01 -7.98 12.79
CA ARG B 4 -3.61 -9.35 13.23
C ARG B 4 -3.15 -10.23 12.06
N LYS B 5 -3.81 -10.09 10.91
CA LYS B 5 -3.53 -10.94 9.76
C LYS B 5 -3.23 -10.13 8.50
N PRO B 6 -2.36 -10.66 7.63
CA PRO B 6 -2.07 -9.99 6.36
C PRO B 6 -3.32 -9.89 5.52
N PRO B 7 -3.27 -9.12 4.42
CA PRO B 7 -4.43 -9.12 3.53
C PRO B 7 -4.71 -10.52 3.00
N LYS B 8 -5.84 -10.65 2.30
CA LYS B 8 -6.23 -11.93 1.71
C LYS B 8 -5.21 -12.30 0.64
N GLY B 9 -4.92 -13.60 0.51
CA GLY B 9 -4.05 -14.12 -0.55
C GLY B 9 -2.71 -13.41 -0.70
N MET B 10 -2.18 -12.99 0.44
CA MET B 10 -0.86 -12.41 0.51
C MET B 10 -0.20 -13.21 1.62
N PHE B 11 1.02 -13.69 1.41
CA PHE B 11 1.61 -14.65 2.34
C PHE B 11 2.96 -14.18 2.85
N LEU B 12 3.07 -14.04 4.17
CA LEU B 12 4.27 -13.52 4.81
C LEU B 12 4.32 -13.93 6.27
N SER B 13 4.96 -15.06 6.55
CA SER B 13 5.19 -15.45 7.93
C SER B 13 6.44 -14.71 8.42
N GLN B 14 6.61 -14.63 9.73
CA GLN B 14 7.84 -14.09 10.27
C GLN B 14 9.06 -14.76 9.61
N GLU B 15 9.17 -16.07 9.82
CA GLU B 15 10.31 -16.88 9.35
C GLU B 15 10.82 -16.47 7.96
N ASP B 16 9.97 -16.65 6.95
CA ASP B 16 10.38 -16.53 5.54
C ASP B 16 10.67 -15.09 5.07
N VAL B 17 10.38 -14.10 5.92
CA VAL B 17 10.86 -12.72 5.68
C VAL B 17 12.37 -12.70 5.88
N GLU B 18 12.76 -13.12 7.07
CA GLU B 18 14.16 -13.16 7.51
C GLU B 18 15.03 -13.95 6.52
N ALA B 19 14.42 -14.94 5.87
CA ALA B 19 15.10 -15.80 4.90
C ALA B 19 15.45 -15.11 3.58
N VAL B 20 14.71 -14.07 3.21
CA VAL B 20 15.03 -13.31 1.99
C VAL B 20 15.81 -12.03 2.34
N SER B 21 16.20 -11.91 3.60
CA SER B 21 16.92 -10.73 4.11
C SER B 21 18.44 -10.96 4.22
N ALA B 22 18.84 -12.05 4.88
CA ALA B 22 20.27 -12.35 5.19
C ALA B 22 21.31 -11.61 4.33
N ASN B 23 21.57 -12.09 3.11
CA ASN B 23 22.44 -11.39 2.14
C ASN B 23 21.65 -10.46 1.16
N ALA B 24 22.33 -9.89 0.17
CA ALA B 24 21.67 -9.03 -0.85
C ALA B 24 21.04 -9.84 -2.00
N THR B 25 21.45 -11.10 -2.15
CA THR B 25 20.92 -11.99 -3.20
C THR B 25 20.17 -13.23 -2.67
N ALA B 26 19.75 -13.24 -1.40
CA ALA B 26 18.89 -14.32 -0.88
C ALA B 26 17.63 -14.27 -1.73
N ALA B 27 17.19 -13.04 -2.00
CA ALA B 27 16.22 -12.75 -3.05
C ALA B 27 16.32 -13.77 -4.17
N THR B 28 17.32 -13.60 -5.03
CA THR B 28 17.45 -14.40 -6.23
C THR B 28 17.93 -15.83 -5.96
N THR B 29 18.64 -16.04 -4.85
CA THR B 29 19.10 -17.38 -4.44
C THR B 29 17.92 -18.28 -4.13
N VAL B 30 17.21 -17.98 -3.05
CA VAL B 30 16.03 -18.75 -2.66
C VAL B 30 15.12 -19.01 -3.88
N LEU B 31 14.93 -18.00 -4.73
CA LEU B 31 14.10 -18.14 -5.93
C LEU B 31 14.69 -19.08 -6.99
N ARG B 32 16.01 -19.05 -7.16
CA ARG B 32 16.67 -19.93 -8.13
C ARG B 32 16.70 -21.38 -7.66
N GLN B 33 16.89 -21.59 -6.34
CA GLN B 33 16.83 -22.94 -5.75
C GLN B 33 15.58 -23.65 -6.17
N LEU B 34 14.46 -22.96 -6.06
CA LEU B 34 13.16 -23.53 -6.37
C LEU B 34 12.98 -23.64 -7.89
N ASP B 35 13.48 -22.68 -8.65
CA ASP B 35 13.46 -22.78 -10.12
C ASP B 35 14.12 -24.09 -10.56
N MET B 36 15.28 -24.40 -9.97
CA MET B 36 16.02 -25.62 -10.30
C MET B 36 15.43 -26.85 -9.61
N GLU B 37 14.83 -26.65 -8.44
CA GLU B 37 14.12 -27.73 -7.74
C GLU B 37 12.84 -28.10 -8.48
N LEU B 38 12.34 -27.22 -9.33
CA LEU B 38 11.09 -27.47 -10.03
C LEU B 38 11.37 -28.29 -11.27
N VAL B 39 12.28 -27.81 -12.10
CA VAL B 39 12.70 -28.53 -13.31
C VAL B 39 13.04 -29.99 -12.95
N SER B 40 13.61 -30.18 -11.77
CA SER B 40 13.83 -31.49 -11.19
C SER B 40 12.61 -32.39 -11.12
N VAL B 41 11.60 -31.95 -10.38
CA VAL B 41 10.41 -32.75 -10.16
C VAL B 41 9.68 -33.01 -11.48
N LYS B 42 9.83 -32.10 -12.44
CA LYS B 42 9.17 -32.27 -13.73
C LYS B 42 9.83 -33.35 -14.57
N ARG B 43 11.16 -33.46 -14.52
CA ARG B 43 11.87 -34.51 -15.27
C ARG B 43 11.59 -35.86 -14.61
N GLN B 44 11.48 -35.87 -13.28
CA GLN B 44 11.15 -37.09 -12.57
C GLN B 44 9.76 -37.59 -12.95
N ILE B 45 8.84 -36.67 -13.18
CA ILE B 45 7.48 -37.01 -13.59
C ILE B 45 7.56 -37.74 -14.93
N GLN B 46 8.35 -37.20 -15.87
CA GLN B 46 8.46 -37.74 -17.23
C GLN B 46 8.97 -39.17 -17.22
N ASN B 47 9.95 -39.40 -16.37
CA ASN B 47 10.51 -40.72 -16.20
C ASN B 47 9.42 -41.73 -15.90
N ILE B 48 8.67 -41.48 -14.82
CA ILE B 48 7.65 -42.42 -14.38
C ILE B 48 6.45 -42.50 -15.33
N LYS B 49 6.25 -41.48 -16.15
CA LYS B 49 5.23 -41.58 -17.20
C LYS B 49 5.66 -42.63 -18.21
N GLN B 50 6.92 -42.56 -18.65
CA GLN B 50 7.45 -43.57 -19.58
C GLN B 50 7.59 -44.94 -18.95
N THR B 51 8.06 -44.98 -17.72
CA THR B 51 8.21 -46.23 -16.99
C THR B 51 6.86 -46.92 -16.83
N ASN B 52 5.84 -46.18 -16.38
CA ASN B 52 4.50 -46.76 -16.18
C ASN B 52 3.74 -46.97 -17.48
N SER B 53 4.13 -46.27 -18.54
CA SER B 53 3.54 -46.49 -19.86
C SER B 53 3.96 -47.84 -20.45
N ALA B 54 5.22 -48.21 -20.24
CA ALA B 54 5.72 -49.51 -20.69
C ALA B 54 5.11 -50.67 -19.89
N LEU B 55 4.90 -50.47 -18.59
CA LEU B 55 4.24 -51.49 -17.75
C LEU B 55 2.78 -51.68 -18.09
N LYS B 56 2.15 -50.64 -18.65
CA LYS B 56 0.77 -50.76 -19.08
C LYS B 56 0.71 -51.58 -20.36
N GLU B 57 1.70 -51.40 -21.22
CA GLU B 57 1.71 -52.13 -22.48
C GLU B 57 1.79 -53.64 -22.23
N LYS B 58 2.49 -54.04 -21.18
CA LYS B 58 2.63 -55.46 -20.82
C LYS B 58 1.37 -56.06 -20.20
N LEU B 59 0.52 -55.22 -19.62
CA LEU B 59 -0.78 -55.67 -19.10
C LEU B 59 -1.85 -55.77 -20.20
N ASP B 60 -1.48 -55.43 -21.44
CA ASP B 60 -2.44 -55.38 -22.54
C ASP B 60 -3.04 -56.75 -22.84
N GLY B 61 -4.37 -56.83 -22.76
CA GLY B 61 -5.10 -58.09 -22.86
C GLY B 61 -5.88 -58.40 -21.59
N GLY B 62 -5.58 -57.67 -20.52
CA GLY B 62 -6.16 -57.95 -19.21
C GLY B 62 -5.80 -59.38 -18.86
N ILE B 63 -6.74 -60.09 -18.27
CA ILE B 63 -6.56 -61.52 -18.06
C ILE B 63 -7.73 -62.32 -18.64
N GLU B 64 -8.33 -61.80 -19.71
CA GLU B 64 -9.52 -62.42 -20.29
C GLU B 64 -9.21 -63.80 -20.83
N PRO B 65 -8.06 -63.93 -21.52
CA PRO B 65 -7.61 -65.25 -21.95
C PRO B 65 -7.61 -66.33 -20.86
N TYR B 66 -7.30 -65.97 -19.61
CA TYR B 66 -7.10 -66.95 -18.56
C TYR B 66 -8.26 -66.99 -17.55
N ARG B 67 -9.44 -66.60 -18.02
CA ARG B 67 -10.59 -66.50 -17.14
C ARG B 67 -11.37 -67.81 -17.22
N LEU B 68 -11.94 -68.21 -16.09
CA LEU B 68 -12.66 -69.47 -16.04
C LEU B 68 -14.14 -69.27 -15.77
N PRO B 69 -15.00 -69.78 -16.67
CA PRO B 69 -16.45 -69.76 -16.49
C PRO B 69 -16.91 -70.00 -15.04
N GLU B 70 -17.99 -69.33 -14.66
CA GLU B 70 -18.54 -69.49 -13.32
C GLU B 70 -19.36 -70.77 -13.26
N VAL B 71 -19.43 -71.36 -12.06
CA VAL B 71 -20.27 -72.53 -11.83
C VAL B 71 -20.99 -72.38 -10.49
N ILE B 72 -22.23 -72.85 -10.42
CA ILE B 72 -23.09 -72.58 -9.25
C ILE B 72 -23.55 -73.87 -8.59
N GLN B 73 -22.90 -74.22 -7.48
CA GLN B 73 -23.11 -75.50 -6.85
C GLN B 73 -24.03 -75.36 -5.64
N LYS B 74 -24.97 -76.29 -5.51
CA LYS B 74 -26.04 -76.19 -4.52
C LYS B 74 -25.65 -76.97 -3.29
N CYS B 75 -25.10 -76.27 -2.29
CA CYS B 75 -24.59 -76.91 -1.07
C CYS B 75 -25.44 -78.09 -0.59
N ASN B 76 -24.83 -79.27 -0.59
CA ASN B 76 -25.50 -80.48 -0.15
C ASN B 76 -25.03 -80.85 1.26
N ALA B 77 -25.88 -81.58 1.97
CA ALA B 77 -25.59 -81.96 3.36
C ALA B 77 -24.77 -83.26 3.48
N ARG B 78 -24.94 -84.19 2.54
CA ARG B 78 -24.27 -85.49 2.58
C ARG B 78 -22.83 -85.40 2.08
N TRP B 79 -21.98 -86.30 2.58
CA TRP B 79 -20.57 -86.40 2.15
C TRP B 79 -20.29 -87.71 1.44
N THR B 80 -20.51 -87.76 0.11
CA THR B 80 -20.08 -88.93 -0.65
C THR B 80 -18.60 -89.20 -0.41
N THR B 81 -18.25 -90.47 -0.54
CA THR B 81 -16.88 -90.87 -0.38
C THR B 81 -16.02 -89.98 -1.25
N GLU B 82 -16.51 -89.67 -2.46
CA GLU B 82 -15.76 -88.81 -3.37
C GLU B 82 -15.31 -87.52 -2.69
N GLU B 83 -16.24 -86.72 -2.19
CA GLU B 83 -15.82 -85.43 -1.66
C GLU B 83 -15.19 -85.56 -0.28
N GLN B 84 -15.38 -86.70 0.36
CA GLN B 84 -14.57 -87.00 1.57
C GLN B 84 -13.08 -86.97 1.21
N LEU B 85 -12.73 -87.63 0.11
CA LEU B 85 -11.33 -87.76 -0.31
C LEU B 85 -10.76 -86.45 -0.81
N LEU B 86 -11.59 -85.68 -1.51
CA LEU B 86 -11.22 -84.33 -1.87
C LEU B 86 -10.82 -83.51 -0.64
N ALA B 87 -11.56 -83.70 0.45
CA ALA B 87 -11.30 -82.97 1.68
C ALA B 87 -9.92 -83.24 2.21
N VAL B 88 -9.66 -84.49 2.54
CA VAL B 88 -8.36 -84.88 3.06
C VAL B 88 -7.21 -84.24 2.27
N GLN B 89 -7.30 -84.31 0.94
CA GLN B 89 -6.27 -83.75 0.09
C GLN B 89 -6.24 -82.24 0.21
N ALA B 90 -7.41 -81.63 0.31
CA ALA B 90 -7.53 -80.17 0.42
C ALA B 90 -6.95 -79.67 1.73
N ILE B 91 -7.28 -80.37 2.80
CA ILE B 91 -6.67 -80.09 4.09
C ILE B 91 -5.16 -80.15 3.96
N ARG B 92 -4.66 -81.26 3.45
CA ARG B 92 -3.23 -81.47 3.31
C ARG B 92 -2.58 -80.28 2.60
N LYS B 93 -3.18 -79.82 1.51
CA LYS B 93 -2.59 -78.73 0.73
C LYS B 93 -2.84 -77.38 1.38
N TYR B 94 -4.11 -77.09 1.67
CA TYR B 94 -4.52 -75.77 2.16
C TYR B 94 -4.50 -75.56 3.68
N GLY B 95 -4.26 -76.63 4.44
CA GLY B 95 -4.10 -76.51 5.89
C GLY B 95 -5.39 -76.23 6.64
N ARG B 96 -5.68 -74.94 6.85
CA ARG B 96 -6.89 -74.53 7.55
C ARG B 96 -7.68 -73.47 6.81
N ASP B 97 -7.42 -73.31 5.52
CA ASP B 97 -8.07 -72.25 4.77
C ASP B 97 -9.48 -72.71 4.42
N PHE B 98 -10.37 -72.62 5.40
CA PHE B 98 -11.69 -73.23 5.32
C PHE B 98 -12.41 -72.78 4.04
N GLN B 99 -12.12 -71.54 3.62
CA GLN B 99 -12.74 -70.98 2.43
C GLN B 99 -12.29 -71.77 1.20
N ALA B 100 -10.97 -71.77 0.97
CA ALA B 100 -10.37 -72.44 -0.18
C ALA B 100 -10.86 -73.87 -0.30
N ILE B 101 -10.93 -74.56 0.83
CA ILE B 101 -11.44 -75.93 0.88
C ILE B 101 -12.92 -76.00 0.46
N SER B 102 -13.73 -75.09 0.97
CA SER B 102 -15.14 -75.07 0.58
C SER B 102 -15.29 -74.82 -0.91
N ASP B 103 -14.36 -74.08 -1.49
CA ASP B 103 -14.38 -73.79 -2.92
C ASP B 103 -13.97 -75.00 -3.72
N VAL B 104 -12.84 -75.60 -3.35
CA VAL B 104 -12.26 -76.70 -4.12
C VAL B 104 -13.21 -77.90 -4.16
N ILE B 105 -13.92 -78.16 -3.06
CA ILE B 105 -14.95 -79.20 -3.06
C ILE B 105 -16.14 -78.75 -3.88
N GLY B 106 -16.59 -77.52 -3.65
CA GLY B 106 -17.63 -76.90 -4.47
C GLY B 106 -19.02 -76.85 -3.84
N ASN B 107 -19.47 -77.99 -3.29
CA ASN B 107 -20.82 -78.11 -2.77
C ASN B 107 -20.89 -78.17 -1.24
N LYS B 108 -19.90 -77.60 -0.55
CA LYS B 108 -20.04 -77.44 0.90
C LYS B 108 -19.77 -76.01 1.31
N SER B 109 -20.45 -75.61 2.39
CA SER B 109 -20.29 -74.30 3.00
C SER B 109 -19.13 -74.33 3.96
N VAL B 110 -18.66 -73.14 4.29
CA VAL B 110 -17.48 -72.96 5.14
C VAL B 110 -17.70 -73.54 6.54
N VAL B 111 -18.94 -73.50 7.03
CA VAL B 111 -19.26 -74.12 8.31
C VAL B 111 -19.24 -75.64 8.16
N GLN B 112 -19.82 -76.14 7.07
CA GLN B 112 -19.84 -77.57 6.84
C GLN B 112 -18.42 -78.12 6.90
N VAL B 113 -17.47 -77.34 6.40
CA VAL B 113 -16.06 -77.71 6.49
C VAL B 113 -15.60 -77.78 7.94
N LYS B 114 -16.02 -76.80 8.74
CA LYS B 114 -15.58 -76.71 10.13
C LYS B 114 -16.00 -77.95 10.90
N ASN B 115 -17.30 -78.20 10.93
CA ASN B 115 -17.82 -79.38 11.61
C ASN B 115 -17.31 -80.69 10.99
N PHE B 116 -16.83 -80.65 9.74
CA PHE B 116 -16.13 -81.79 9.17
C PHE B 116 -14.88 -82.09 9.99
N PHE B 117 -14.04 -81.07 10.17
CA PHE B 117 -12.78 -81.25 10.89
C PHE B 117 -13.04 -82.02 12.18
N VAL B 118 -14.08 -81.63 12.91
CA VAL B 118 -14.39 -82.27 14.18
C VAL B 118 -15.07 -83.62 13.99
N ASN B 119 -16.08 -83.69 13.13
CA ASN B 119 -16.83 -84.92 12.93
C ASN B 119 -15.95 -86.08 12.46
N TYR B 120 -14.94 -85.77 11.66
CA TYR B 120 -14.08 -86.79 11.09
C TYR B 120 -12.68 -86.83 11.71
N ARG B 121 -12.31 -85.82 12.50
CA ARG B 121 -10.98 -85.76 13.18
C ARG B 121 -10.46 -87.12 13.54
N ARG B 122 -11.38 -87.94 14.01
CA ARG B 122 -11.11 -89.29 14.42
C ARG B 122 -10.76 -90.16 13.21
N ARG B 123 -11.71 -90.28 12.29
CA ARG B 123 -11.64 -91.26 11.21
C ARG B 123 -10.58 -90.98 10.13
N PHE B 124 -10.17 -89.72 9.99
CA PHE B 124 -9.13 -89.37 9.02
C PHE B 124 -7.90 -88.71 9.66
N ASN B 125 -7.70 -88.92 10.96
CA ASN B 125 -6.49 -88.43 11.62
C ASN B 125 -6.14 -87.00 11.25
N ILE B 126 -7.16 -86.16 11.09
CA ILE B 126 -6.97 -84.81 10.53
C ILE B 126 -5.87 -84.01 11.26
N ASP B 127 -5.78 -84.19 12.59
CA ASP B 127 -4.72 -83.57 13.39
C ASP B 127 -3.36 -83.80 12.73
N GLU B 128 -3.06 -85.08 12.52
CA GLU B 128 -1.82 -85.55 11.93
C GLU B 128 -1.56 -84.89 10.59
N VAL B 129 -2.62 -84.81 9.79
CA VAL B 129 -2.54 -84.25 8.44
C VAL B 129 -2.08 -82.80 8.47
N LEU B 130 -2.59 -82.04 9.44
CA LEU B 130 -2.27 -80.63 9.55
C LEU B 130 -0.82 -80.42 9.91
N GLN B 131 -0.28 -81.34 10.73
CA GLN B 131 1.12 -81.32 11.12
C GLN B 131 2.04 -81.42 9.90
N GLU B 132 1.60 -82.17 8.89
CA GLU B 132 2.34 -82.28 7.63
C GLU B 132 2.36 -80.95 6.88
N TRP B 133 1.20 -80.28 6.85
CA TRP B 133 1.09 -78.95 6.26
C TRP B 133 1.84 -77.89 7.08
N GLU B 134 1.90 -78.12 8.40
CA GLU B 134 2.69 -77.31 9.32
C GLU B 134 4.12 -77.17 8.79
N ALA B 135 4.74 -78.30 8.47
CA ALA B 135 6.09 -78.33 7.93
C ALA B 135 6.19 -77.72 6.52
N GLU B 136 5.75 -76.46 6.36
CA GLU B 136 5.77 -75.75 5.08
C GLU B 136 5.67 -74.25 5.32
#